data_8CIB
#
_entry.id   8CIB
#
_cell.length_a   85.284
_cell.length_b   245.260
_cell.length_c   126.262
_cell.angle_alpha   90.00
_cell.angle_beta   90.00
_cell.angle_gamma   90.00
#
_symmetry.space_group_name_H-M   'C 2 2 21'
#
loop_
_entity.id
_entity.type
_entity.pdbx_description
1 polymer 'Cysteine hydrolase'
2 non-polymer (4S)-2-METHYL-2,4-PENTANEDIOL
3 non-polymer 'ACETATE ION'
4 non-polymer LYSINE
5 water water
#
_entity_poly.entity_id   1
_entity_poly.type   'polypeptide(L)'
_entity_poly.pdbx_seq_one_letter_code
;MWSHPQFEKASMPHPLTLLQISGRGYPPAPLRQSTLLIIDAQEEYRSGALRLPGLDAAAAEIGVLVQAARASGTPIVHVR
HLGIQGGLFDPQGPRGQFLPELQPEAGEKVVEKRLPNAFSGTELHDLLQNHGRLDLIVCGFMTHSSVSTTVRAAKDYGYR
CTLADSACATRDIPTLNGGVLSAADLQRAEIAALGDNFAAIVAQARELL
;
_entity_poly.pdbx_strand_id   A,B,C,D,E,F
#
# COMPACT_ATOMS: atom_id res chain seq x y z
N HIS A 14 26.32 -15.92 -13.94
CA HIS A 14 25.33 -16.02 -15.06
C HIS A 14 23.95 -16.24 -14.47
N PRO A 15 22.98 -15.36 -14.80
CA PRO A 15 21.66 -15.46 -14.23
C PRO A 15 20.90 -16.71 -14.69
N LEU A 16 20.15 -17.29 -13.77
CA LEU A 16 19.29 -18.43 -14.14
C LEU A 16 17.95 -17.94 -14.67
N THR A 17 17.27 -18.75 -15.49
CA THR A 17 15.88 -18.47 -15.88
C THR A 17 14.95 -18.73 -14.69
N LEU A 18 13.76 -18.13 -14.75
CA LEU A 18 12.72 -18.39 -13.74
C LEU A 18 12.29 -19.85 -13.84
N LEU A 19 12.28 -20.39 -15.06
CA LEU A 19 11.95 -21.82 -15.25
C LEU A 19 12.93 -22.69 -14.45
N GLN A 20 14.22 -22.39 -14.55
CA GLN A 20 15.25 -23.14 -13.79
C GLN A 20 15.05 -22.92 -12.28
N ILE A 21 14.87 -21.67 -11.87
CA ILE A 21 14.74 -21.34 -10.42
C ILE A 21 13.53 -22.06 -9.84
N SER A 22 12.45 -22.21 -10.60
CA SER A 22 11.19 -22.81 -10.11
C SER A 22 11.18 -24.33 -10.30
N GLY A 23 12.12 -24.86 -11.06
CA GLY A 23 12.14 -26.29 -11.36
C GLY A 23 11.13 -26.69 -12.43
N ARG A 24 10.61 -25.74 -13.19
CA ARG A 24 9.53 -26.05 -14.17
C ARG A 24 10.06 -25.98 -15.60
N GLY A 25 11.38 -25.99 -15.77
CA GLY A 25 11.99 -25.91 -17.09
C GLY A 25 11.84 -27.19 -17.89
N TYR A 26 12.18 -27.10 -19.18
CA TYR A 26 12.04 -28.28 -20.07
C TYR A 26 13.03 -28.11 -21.22
N PRO A 27 13.58 -29.22 -21.74
CA PRO A 27 14.48 -29.14 -22.86
C PRO A 27 13.79 -28.76 -24.17
N PRO A 28 14.52 -28.21 -25.15
CA PRO A 28 13.94 -27.98 -26.47
C PRO A 28 13.39 -29.28 -27.09
N ALA A 29 12.20 -29.24 -27.65
CA ALA A 29 11.55 -30.46 -28.22
C ALA A 29 12.11 -30.70 -29.61
N PRO A 30 12.44 -31.95 -29.99
CA PRO A 30 12.70 -32.24 -31.40
C PRO A 30 11.41 -32.05 -32.22
N LEU A 31 11.58 -31.60 -33.47
CA LEU A 31 10.46 -31.40 -34.42
C LEU A 31 9.62 -32.67 -34.50
N ARG A 32 10.23 -33.82 -34.66
CA ARG A 32 9.52 -35.11 -34.97
C ARG A 32 8.50 -35.47 -33.87
N GLN A 33 8.63 -34.92 -32.64
CA GLN A 33 7.71 -35.18 -31.51
C GLN A 33 6.82 -33.96 -31.21
N SER A 34 6.85 -32.92 -32.06
CA SER A 34 6.18 -31.61 -31.82
C SER A 34 5.09 -31.36 -32.88
N THR A 35 4.27 -30.34 -32.66
CA THR A 35 3.41 -29.73 -33.69
C THR A 35 4.14 -28.44 -34.12
N LEU A 36 4.35 -28.28 -35.43
CA LEU A 36 4.95 -27.06 -36.01
C LEU A 36 3.85 -26.01 -36.20
N LEU A 37 4.01 -24.84 -35.58
CA LEU A 37 3.05 -23.71 -35.60
C LEU A 37 3.73 -22.53 -36.27
N ILE A 38 3.31 -22.24 -37.50
CA ILE A 38 3.92 -21.14 -38.31
C ILE A 38 3.01 -19.92 -38.24
N ILE A 39 3.57 -18.81 -37.76
CA ILE A 39 2.72 -17.62 -37.50
C ILE A 39 2.90 -16.53 -38.55
N ASP A 40 1.83 -16.25 -39.28
CA ASP A 40 1.76 -15.09 -40.21
C ASP A 40 2.91 -14.99 -41.21
N ALA A 41 3.22 -16.09 -41.90
CA ALA A 41 4.21 -16.04 -42.99
C ALA A 41 3.48 -15.38 -44.17
N GLN A 42 3.28 -14.06 -44.10
CA GLN A 42 2.47 -13.35 -45.11
C GLN A 42 3.26 -12.33 -45.93
N GLU A 43 2.75 -12.03 -47.11
CA GLU A 43 3.38 -11.17 -48.13
C GLU A 43 3.53 -9.74 -47.62
N GLU A 44 2.73 -9.33 -46.62
CA GLU A 44 2.90 -7.99 -45.99
C GLU A 44 4.36 -7.78 -45.55
N TYR A 45 5.04 -8.85 -45.15
CA TYR A 45 6.42 -8.71 -44.57
C TYR A 45 7.49 -8.67 -45.67
N ARG A 46 7.05 -8.84 -46.92
CA ARG A 46 8.03 -8.84 -48.06
C ARG A 46 7.78 -7.64 -48.98
N SER A 47 6.54 -7.42 -49.40
CA SER A 47 6.22 -6.31 -50.33
C SER A 47 5.14 -5.35 -49.81
N GLY A 48 4.71 -5.43 -48.55
CA GLY A 48 3.70 -4.52 -47.96
C GLY A 48 4.32 -3.43 -47.11
N ALA A 49 3.68 -3.10 -46.00
CA ALA A 49 4.04 -1.97 -45.10
C ALA A 49 5.08 -2.38 -44.04
N LEU A 50 5.39 -3.67 -43.88
CA LEU A 50 6.22 -4.15 -42.74
C LEU A 50 7.34 -5.03 -43.32
N ARG A 51 8.11 -4.49 -44.25
CA ARG A 51 9.17 -5.28 -44.92
C ARG A 51 10.26 -5.61 -43.89
N LEU A 52 10.36 -6.87 -43.51
CA LEU A 52 11.34 -7.26 -42.48
C LEU A 52 12.68 -7.54 -43.17
N PRO A 53 13.78 -6.94 -42.70
CA PRO A 53 15.08 -7.09 -43.36
C PRO A 53 15.59 -8.53 -43.22
N GLY A 54 15.22 -9.22 -42.14
CA GLY A 54 15.64 -10.61 -41.92
C GLY A 54 14.62 -11.67 -42.31
N LEU A 55 13.66 -11.32 -43.17
CA LEU A 55 12.59 -12.27 -43.57
C LEU A 55 13.15 -13.49 -44.33
N ASP A 56 13.93 -13.24 -45.38
CA ASP A 56 14.47 -14.35 -46.20
C ASP A 56 15.24 -15.36 -45.33
N ALA A 57 16.15 -14.87 -44.49
CA ALA A 57 16.91 -15.77 -43.60
C ALA A 57 15.98 -16.61 -42.69
N ALA A 58 14.98 -15.96 -42.09
CA ALA A 58 14.01 -16.67 -41.23
C ALA A 58 13.15 -17.64 -42.05
N ALA A 59 12.69 -17.20 -43.22
CA ALA A 59 11.80 -18.04 -44.05
C ALA A 59 12.58 -19.29 -44.49
N ALA A 60 13.87 -19.10 -44.73
CA ALA A 60 14.71 -20.26 -45.10
C ALA A 60 14.72 -21.27 -43.95
N GLU A 61 14.85 -20.79 -42.72
CA GLU A 61 14.91 -21.68 -41.53
C GLU A 61 13.55 -22.35 -41.30
N ILE A 62 12.46 -21.62 -41.49
CA ILE A 62 11.10 -22.23 -41.37
C ILE A 62 10.96 -23.31 -42.46
N GLY A 63 11.49 -23.05 -43.65
CA GLY A 63 11.40 -24.04 -44.75
C GLY A 63 12.11 -25.34 -44.39
N VAL A 64 13.22 -25.23 -43.67
CA VAL A 64 13.97 -26.43 -43.20
C VAL A 64 13.09 -27.24 -42.26
N LEU A 65 12.36 -26.56 -41.38
CA LEU A 65 11.42 -27.23 -40.45
C LEU A 65 10.25 -27.82 -41.25
N VAL A 66 9.65 -27.06 -42.15
CA VAL A 66 8.48 -27.53 -42.94
C VAL A 66 8.88 -28.76 -43.75
N GLN A 67 10.04 -28.74 -44.38
CA GLN A 67 10.49 -29.86 -45.22
C GLN A 67 10.62 -31.12 -44.37
N ALA A 68 11.31 -31.02 -43.23
CA ALA A 68 11.50 -32.16 -42.31
C ALA A 68 10.14 -32.64 -41.78
N ALA A 69 9.20 -31.74 -41.48
CA ALA A 69 7.88 -32.09 -40.91
C ALA A 69 7.04 -32.81 -41.98
N ARG A 70 7.01 -32.31 -43.21
CA ARG A 70 6.24 -32.95 -44.32
C ARG A 70 6.83 -34.33 -44.63
N ALA A 71 8.14 -34.50 -44.56
CA ALA A 71 8.82 -35.80 -44.88
C ALA A 71 8.54 -36.81 -43.76
N SER A 72 8.37 -36.36 -42.51
CA SER A 72 8.17 -37.27 -41.33
C SER A 72 6.69 -37.40 -40.94
N GLY A 73 5.76 -36.69 -41.60
CA GLY A 73 4.34 -36.65 -41.21
C GLY A 73 4.09 -35.95 -39.87
N THR A 74 4.98 -35.06 -39.45
CA THR A 74 4.77 -34.17 -38.29
C THR A 74 3.65 -33.19 -38.64
N PRO A 75 2.70 -32.95 -37.71
CA PRO A 75 1.63 -31.97 -37.94
C PRO A 75 2.12 -30.52 -38.10
N ILE A 76 1.54 -29.79 -39.06
CA ILE A 76 1.87 -28.37 -39.30
C ILE A 76 0.57 -27.60 -39.25
N VAL A 77 0.52 -26.57 -38.42
CA VAL A 77 -0.63 -25.62 -38.36
C VAL A 77 -0.11 -24.25 -38.79
N HIS A 78 -0.79 -23.65 -39.74
CA HIS A 78 -0.44 -22.34 -40.31
C HIS A 78 -1.44 -21.33 -39.72
N VAL A 79 -0.93 -20.26 -39.18
CA VAL A 79 -1.74 -19.13 -38.67
C VAL A 79 -1.61 -18.00 -39.67
N ARG A 80 -2.74 -17.44 -40.07
CA ARG A 80 -2.81 -16.29 -40.99
C ARG A 80 -3.57 -15.15 -40.29
N HIS A 81 -3.03 -13.94 -40.35
CA HIS A 81 -3.71 -12.76 -39.79
C HIS A 81 -4.78 -12.31 -40.78
N LEU A 82 -6.00 -12.09 -40.31
CA LEU A 82 -7.11 -11.56 -41.14
C LEU A 82 -7.17 -10.07 -40.85
N GLY A 83 -6.57 -9.24 -41.70
CA GLY A 83 -6.66 -7.78 -41.58
C GLY A 83 -8.00 -7.26 -42.08
N ILE A 84 -8.11 -5.96 -42.19
CA ILE A 84 -9.36 -5.33 -42.73
C ILE A 84 -9.12 -4.83 -44.16
N GLN A 85 -10.22 -4.63 -44.87
CA GLN A 85 -10.23 -4.07 -46.23
C GLN A 85 -9.31 -2.84 -46.28
N GLY A 86 -8.35 -2.79 -47.20
CA GLY A 86 -7.45 -1.63 -47.36
C GLY A 86 -6.40 -1.49 -46.26
N GLY A 87 -6.32 -2.41 -45.29
CA GLY A 87 -5.35 -2.34 -44.19
C GLY A 87 -4.25 -3.39 -44.25
N LEU A 88 -3.52 -3.54 -43.16
CA LEU A 88 -2.45 -4.57 -43.06
C LEU A 88 -3.11 -5.94 -43.21
N PHE A 89 -2.46 -6.87 -43.92
CA PHE A 89 -2.91 -8.28 -44.04
C PHE A 89 -4.33 -8.33 -44.63
N ASP A 90 -4.67 -7.43 -45.56
CA ASP A 90 -5.99 -7.42 -46.25
C ASP A 90 -6.18 -8.78 -46.93
N PRO A 91 -7.21 -9.57 -46.56
CA PRO A 91 -7.38 -10.91 -47.12
C PRO A 91 -7.81 -10.92 -48.58
N GLN A 92 -8.29 -9.79 -49.08
CA GLN A 92 -8.72 -9.61 -50.49
C GLN A 92 -7.55 -9.07 -51.33
N GLY A 93 -6.36 -8.93 -50.74
CA GLY A 93 -5.21 -8.28 -51.40
C GLY A 93 -4.00 -9.20 -51.39
N PRO A 94 -3.00 -8.95 -52.27
CA PRO A 94 -1.77 -9.73 -52.26
C PRO A 94 -1.05 -9.73 -50.91
N ARG A 95 -1.08 -8.64 -50.17
CA ARG A 95 -0.35 -8.48 -48.88
C ARG A 95 -0.87 -9.49 -47.85
N GLY A 96 -2.13 -9.92 -47.96
CA GLY A 96 -2.77 -10.83 -46.98
C GLY A 96 -2.43 -12.30 -47.24
N GLN A 97 -1.81 -12.60 -48.38
CA GLN A 97 -1.62 -14.02 -48.79
C GLN A 97 -0.35 -14.59 -48.16
N PHE A 98 -0.24 -15.90 -48.11
CA PHE A 98 1.00 -16.58 -47.68
C PHE A 98 2.14 -16.20 -48.62
N LEU A 99 3.35 -16.12 -48.08
CA LEU A 99 4.59 -16.13 -48.88
C LEU A 99 4.57 -17.42 -49.67
N PRO A 100 4.91 -17.39 -50.99
CA PRO A 100 4.69 -18.56 -51.85
C PRO A 100 5.46 -19.79 -51.35
N GLU A 101 6.64 -19.58 -50.76
CA GLU A 101 7.52 -20.69 -50.35
C GLU A 101 7.00 -21.33 -49.05
N LEU A 102 6.03 -20.71 -48.36
CA LEU A 102 5.45 -21.25 -47.11
C LEU A 102 3.94 -21.38 -47.23
N GLN A 103 3.41 -21.67 -48.41
CA GLN A 103 1.98 -22.00 -48.56
C GLN A 103 1.71 -23.32 -47.85
N PRO A 104 0.49 -23.51 -47.30
CA PRO A 104 0.02 -24.82 -46.91
C PRO A 104 -0.03 -25.81 -48.09
N GLU A 105 0.17 -27.10 -47.80
CA GLU A 105 0.01 -28.23 -48.73
C GLU A 105 -0.84 -29.31 -48.06
N ALA A 106 -1.36 -30.26 -48.82
CA ALA A 106 -1.92 -31.56 -48.34
C ALA A 106 -2.95 -31.34 -47.24
N GLY A 107 -3.73 -30.27 -47.32
CA GLY A 107 -4.78 -29.99 -46.33
C GLY A 107 -4.28 -29.63 -44.93
N GLU A 108 -3.01 -29.22 -44.75
CA GLU A 108 -2.48 -28.63 -43.48
C GLU A 108 -3.42 -27.48 -43.06
N LYS A 109 -3.84 -27.45 -41.80
CA LYS A 109 -4.91 -26.51 -41.42
C LYS A 109 -4.36 -25.08 -41.37
N VAL A 110 -5.22 -24.16 -41.80
CA VAL A 110 -5.02 -22.70 -41.66
C VAL A 110 -5.93 -22.19 -40.55
N VAL A 111 -5.35 -21.51 -39.57
CA VAL A 111 -6.11 -20.79 -38.51
C VAL A 111 -6.07 -19.30 -38.86
N GLU A 112 -7.24 -18.71 -39.08
CA GLU A 112 -7.38 -17.25 -39.35
C GLU A 112 -7.56 -16.52 -38.02
N LYS A 113 -6.72 -15.53 -37.69
CA LYS A 113 -6.80 -14.82 -36.41
C LYS A 113 -6.97 -13.32 -36.64
N ARG A 114 -7.52 -12.61 -35.67
CA ARG A 114 -7.73 -11.13 -35.75
C ARG A 114 -6.92 -10.37 -34.70
N LEU A 115 -6.31 -11.04 -33.73
CA LEU A 115 -5.53 -10.43 -32.64
C LEU A 115 -4.14 -11.04 -32.64
N PRO A 116 -3.18 -10.42 -31.93
CA PRO A 116 -1.83 -11.00 -31.85
C PRO A 116 -1.82 -12.42 -31.24
N ASN A 117 -2.74 -12.70 -30.31
CA ASN A 117 -2.88 -14.03 -29.67
C ASN A 117 -3.63 -14.97 -30.62
N ALA A 118 -2.91 -15.95 -31.20
CA ALA A 118 -3.46 -16.88 -32.22
C ALA A 118 -4.55 -17.78 -31.62
N PHE A 119 -4.65 -17.87 -30.29
CA PHE A 119 -5.71 -18.64 -29.57
C PHE A 119 -7.02 -17.86 -29.49
N SER A 120 -6.92 -16.53 -29.54
CA SER A 120 -8.03 -15.62 -29.17
C SER A 120 -9.08 -15.56 -30.30
N GLY A 121 -10.27 -16.06 -30.02
CA GLY A 121 -11.38 -16.14 -30.99
C GLY A 121 -11.17 -17.18 -32.08
N THR A 122 -10.27 -18.14 -31.90
CA THR A 122 -9.98 -19.16 -32.93
C THR A 122 -10.19 -20.57 -32.37
N GLU A 123 -9.97 -21.54 -33.25
N GLU A 123 -9.93 -21.56 -33.22
CA GLU A 123 -10.07 -23.00 -32.99
CA GLU A 123 -10.05 -22.99 -32.82
C GLU A 123 -8.67 -23.54 -32.68
C GLU A 123 -8.65 -23.56 -32.61
N LEU A 124 -7.64 -22.69 -32.49
CA LEU A 124 -6.25 -23.17 -32.36
C LEU A 124 -6.16 -24.22 -31.23
N HIS A 125 -6.71 -23.92 -30.06
CA HIS A 125 -6.59 -24.82 -28.89
C HIS A 125 -7.10 -26.22 -29.24
N ASP A 126 -8.31 -26.28 -29.80
CA ASP A 126 -8.96 -27.52 -30.27
C ASP A 126 -8.07 -28.24 -31.28
N LEU A 127 -7.47 -27.52 -32.24
CA LEU A 127 -6.66 -28.16 -33.31
C LEU A 127 -5.43 -28.79 -32.70
N LEU A 128 -4.75 -28.09 -31.77
CA LEU A 128 -3.50 -28.59 -31.16
C LEU A 128 -3.85 -29.81 -30.32
N GLN A 129 -5.02 -29.81 -29.69
CA GLN A 129 -5.51 -30.94 -28.85
C GLN A 129 -5.74 -32.17 -29.73
N ASN A 130 -6.41 -32.00 -30.87
CA ASN A 130 -6.64 -33.11 -31.83
C ASN A 130 -5.29 -33.79 -32.17
N HIS A 131 -4.20 -33.02 -32.34
CA HIS A 131 -2.86 -33.58 -32.71
C HIS A 131 -2.25 -34.31 -31.51
N GLY A 132 -2.53 -33.84 -30.29
CA GLY A 132 -2.20 -34.53 -29.04
C GLY A 132 -0.75 -34.33 -28.63
N ARG A 133 0.01 -33.42 -29.25
CA ARG A 133 1.42 -33.16 -28.85
C ARG A 133 1.49 -31.95 -27.91
N LEU A 134 2.15 -32.12 -26.76
CA LEU A 134 2.37 -31.08 -25.73
C LEU A 134 3.37 -30.07 -26.25
N ASP A 135 4.33 -30.54 -27.06
CA ASP A 135 5.42 -29.68 -27.56
C ASP A 135 5.00 -28.99 -28.86
N LEU A 136 5.07 -27.66 -28.83
CA LEU A 136 4.87 -26.77 -30.00
C LEU A 136 6.21 -26.20 -30.39
N ILE A 137 6.54 -26.25 -31.67
CA ILE A 137 7.65 -25.45 -32.22
C ILE A 137 7.02 -24.26 -32.91
N VAL A 138 7.28 -23.09 -32.36
CA VAL A 138 6.60 -21.87 -32.85
C VAL A 138 7.61 -21.02 -33.61
N CYS A 139 7.21 -20.61 -34.79
CA CYS A 139 8.10 -19.78 -35.63
C CYS A 139 7.23 -18.78 -36.39
N GLY A 140 7.88 -17.83 -37.03
CA GLY A 140 7.12 -16.86 -37.81
C GLY A 140 7.33 -15.42 -37.41
N PHE A 141 6.30 -14.61 -37.61
CA PHE A 141 6.45 -13.15 -37.46
C PHE A 141 5.20 -12.50 -36.85
N MET A 142 5.38 -11.35 -36.20
CA MET A 142 6.70 -10.80 -35.78
C MET A 142 7.06 -11.31 -34.38
N THR A 143 8.36 -11.51 -34.14
CA THR A 143 8.82 -12.09 -32.86
C THR A 143 8.18 -11.45 -31.62
N HIS A 144 8.07 -10.13 -31.59
CA HIS A 144 7.66 -9.41 -30.35
C HIS A 144 6.15 -9.22 -30.21
N SER A 145 5.39 -9.52 -31.26
CA SER A 145 3.93 -9.26 -31.24
C SER A 145 3.19 -10.60 -31.28
N SER A 146 2.87 -11.09 -32.48
CA SER A 146 2.05 -12.33 -32.57
C SER A 146 2.79 -13.55 -32.01
N VAL A 147 4.06 -13.68 -32.33
CA VAL A 147 4.84 -14.86 -31.86
C VAL A 147 4.90 -14.83 -30.32
N SER A 148 5.46 -13.76 -29.75
CA SER A 148 5.60 -13.66 -28.27
C SER A 148 4.22 -13.82 -27.60
N THR A 149 3.22 -13.13 -28.14
CA THR A 149 1.86 -13.16 -27.51
C THR A 149 1.29 -14.59 -27.52
N THR A 150 1.38 -15.29 -28.66
CA THR A 150 0.88 -16.68 -28.80
C THR A 150 1.67 -17.64 -27.88
N VAL A 151 2.99 -17.49 -27.81
CA VAL A 151 3.85 -18.33 -26.92
C VAL A 151 3.43 -18.10 -25.45
N ARG A 152 3.29 -16.84 -25.05
CA ARG A 152 2.88 -16.50 -23.66
C ARG A 152 1.50 -17.12 -23.39
N ALA A 153 0.53 -17.03 -24.33
CA ALA A 153 -0.84 -17.56 -24.16
C ALA A 153 -0.79 -19.10 -24.07
N ALA A 154 0.10 -19.74 -24.81
CA ALA A 154 0.23 -21.23 -24.80
C ALA A 154 0.55 -21.76 -23.39
N LYS A 155 1.28 -21.01 -22.57
CA LYS A 155 1.63 -21.39 -21.17
C LYS A 155 0.35 -21.62 -20.37
N ASP A 156 -0.67 -20.79 -20.55
CA ASP A 156 -1.92 -20.87 -19.75
C ASP A 156 -2.64 -22.18 -20.03
N TYR A 157 -2.45 -22.78 -21.22
CA TYR A 157 -3.09 -24.07 -21.57
C TYR A 157 -2.21 -25.25 -21.12
N GLY A 158 -0.94 -25.00 -20.78
CA GLY A 158 -0.01 -26.06 -20.36
C GLY A 158 0.84 -26.60 -21.48
N TYR A 159 0.96 -25.91 -22.62
CA TYR A 159 1.87 -26.35 -23.71
C TYR A 159 3.31 -26.05 -23.30
N ARG A 160 4.25 -26.83 -23.82
N ARG A 160 4.24 -26.78 -23.90
CA ARG A 160 5.69 -26.49 -23.84
CA ARG A 160 5.70 -26.52 -23.86
C ARG A 160 5.91 -25.87 -25.22
C ARG A 160 6.11 -25.96 -25.23
N CYS A 161 6.56 -24.73 -25.29
CA CYS A 161 6.97 -24.08 -26.56
C CYS A 161 8.47 -24.16 -26.71
N THR A 162 8.91 -24.51 -27.91
CA THR A 162 10.32 -24.49 -28.33
C THR A 162 10.41 -23.48 -29.49
N LEU A 163 11.37 -22.57 -29.45
CA LEU A 163 11.61 -21.62 -30.57
C LEU A 163 13.05 -21.73 -31.02
N ALA A 164 13.27 -21.66 -32.32
CA ALA A 164 14.60 -21.37 -32.90
C ALA A 164 14.66 -19.89 -33.20
N ASP A 165 15.64 -19.20 -32.60
CA ASP A 165 15.89 -17.75 -32.76
C ASP A 165 15.94 -17.40 -34.26
N SER A 166 16.57 -18.24 -35.10
CA SER A 166 16.78 -17.97 -36.54
C SER A 166 15.47 -18.12 -37.36
N ALA A 167 14.40 -18.65 -36.78
CA ALA A 167 13.16 -18.95 -37.53
C ALA A 167 12.05 -17.94 -37.21
N CYS A 168 12.38 -16.89 -36.47
CA CYS A 168 11.43 -15.79 -36.22
C CYS A 168 12.12 -14.48 -36.64
N ALA A 169 11.33 -13.49 -37.00
CA ALA A 169 11.95 -12.19 -37.33
C ALA A 169 11.03 -11.03 -36.96
N THR A 170 11.64 -9.86 -36.82
CA THR A 170 10.88 -8.64 -36.50
C THR A 170 11.48 -7.44 -37.23
N ARG A 171 11.13 -6.24 -36.80
CA ARG A 171 11.57 -4.99 -37.45
C ARG A 171 12.03 -3.99 -36.38
N ASP A 172 12.68 -2.91 -36.83
CA ASP A 172 12.97 -1.73 -35.99
C ASP A 172 11.64 -1.14 -35.48
N ILE A 173 11.59 -0.75 -34.21
CA ILE A 173 10.41 -0.08 -33.65
C ILE A 173 10.86 1.14 -32.85
N PRO A 174 9.95 2.10 -32.72
CA PRO A 174 10.28 3.31 -32.02
C PRO A 174 10.37 3.15 -30.50
N THR A 175 11.21 3.98 -29.89
CA THR A 175 11.31 4.06 -28.42
C THR A 175 10.91 5.49 -28.02
N LEU A 176 10.95 5.78 -26.72
CA LEU A 176 10.55 7.12 -26.24
C LEU A 176 11.55 8.18 -26.76
N ASN A 177 11.10 9.43 -26.89
CA ASN A 177 12.04 10.53 -27.22
C ASN A 177 12.73 10.38 -28.59
N GLY A 178 12.04 9.84 -29.60
CA GLY A 178 12.59 9.80 -30.96
C GLY A 178 13.59 8.68 -31.15
N GLY A 179 13.83 7.85 -30.13
CA GLY A 179 14.79 6.74 -30.27
C GLY A 179 14.27 5.63 -31.18
N VAL A 180 15.15 4.72 -31.60
CA VAL A 180 14.81 3.53 -32.42
C VAL A 180 15.45 2.31 -31.75
N LEU A 181 14.69 1.24 -31.66
CA LEU A 181 15.21 -0.06 -31.19
C LEU A 181 15.42 -0.93 -32.42
N SER A 182 16.65 -1.39 -32.65
CA SER A 182 16.96 -2.22 -33.83
C SER A 182 16.17 -3.54 -33.76
N ALA A 183 15.77 -4.07 -34.91
CA ALA A 183 15.22 -5.44 -35.08
C ALA A 183 16.08 -6.43 -34.30
N ALA A 184 17.40 -6.38 -34.46
CA ALA A 184 18.29 -7.37 -33.83
C ALA A 184 18.25 -7.26 -32.28
N ASP A 185 18.24 -6.06 -31.71
CA ASP A 185 18.12 -5.89 -30.25
C ASP A 185 16.73 -6.30 -29.76
N LEU A 186 15.67 -5.97 -30.49
CA LEU A 186 14.30 -6.38 -30.09
C LEU A 186 14.22 -7.92 -30.11
N GLN A 187 14.74 -8.53 -31.17
CA GLN A 187 14.74 -10.01 -31.32
C GLN A 187 15.44 -10.64 -30.10
N ARG A 188 16.65 -10.18 -29.78
CA ARG A 188 17.48 -10.74 -28.71
C ARG A 188 16.71 -10.66 -27.39
N ALA A 189 16.13 -9.51 -27.11
CA ALA A 189 15.39 -9.29 -25.84
C ALA A 189 14.15 -10.15 -25.79
N GLU A 190 13.36 -10.21 -26.86
CA GLU A 190 12.05 -10.89 -26.80
C GLU A 190 12.30 -12.41 -26.76
N ILE A 191 13.29 -12.90 -27.49
CA ILE A 191 13.66 -14.36 -27.42
C ILE A 191 14.16 -14.69 -26.00
N ALA A 192 14.99 -13.85 -25.39
CA ALA A 192 15.47 -14.04 -24.00
C ALA A 192 14.31 -14.00 -23.01
N ALA A 193 13.38 -13.05 -23.14
CA ALA A 193 12.17 -12.97 -22.28
C ALA A 193 11.38 -14.29 -22.36
N LEU A 194 11.21 -14.84 -23.56
CA LEU A 194 10.43 -16.09 -23.74
C LEU A 194 11.18 -17.27 -23.12
N GLY A 195 12.50 -17.32 -23.31
CA GLY A 195 13.39 -18.31 -22.67
C GLY A 195 13.39 -18.22 -21.14
N ASP A 196 13.10 -17.05 -20.58
CA ASP A 196 13.08 -16.85 -19.11
C ASP A 196 11.91 -17.62 -18.48
N ASN A 197 10.74 -17.63 -19.11
CA ASN A 197 9.54 -18.13 -18.38
C ASN A 197 8.47 -18.72 -19.31
N PHE A 198 8.73 -18.94 -20.59
CA PHE A 198 7.66 -19.31 -21.53
C PHE A 198 8.08 -20.34 -22.56
N ALA A 199 9.36 -20.68 -22.66
CA ALA A 199 9.81 -21.57 -23.74
C ALA A 199 11.24 -22.07 -23.52
N ALA A 200 11.59 -23.08 -24.30
CA ALA A 200 12.96 -23.54 -24.55
C ALA A 200 13.44 -22.93 -25.85
N ILE A 201 14.64 -22.35 -25.86
CA ILE A 201 15.20 -21.60 -27.02
C ILE A 201 16.43 -22.34 -27.56
N VAL A 202 16.49 -22.50 -28.87
CA VAL A 202 17.73 -22.89 -29.57
C VAL A 202 18.05 -21.77 -30.57
N ALA A 203 19.30 -21.70 -31.02
CA ALA A 203 19.78 -20.68 -31.98
C ALA A 203 19.21 -20.96 -33.36
N GLN A 204 19.23 -22.22 -33.82
CA GLN A 204 19.01 -22.57 -35.24
C GLN A 204 18.02 -23.73 -35.37
N ALA A 205 17.26 -23.75 -36.47
CA ALA A 205 16.25 -24.77 -36.80
C ALA A 205 16.89 -26.17 -36.83
N ARG A 206 18.11 -26.28 -37.34
CA ARG A 206 18.75 -27.62 -37.51
C ARG A 206 18.97 -28.30 -36.14
N GLU A 207 19.05 -27.54 -35.05
CA GLU A 207 19.16 -28.16 -33.69
C GLU A 207 17.89 -28.96 -33.35
N LEU A 208 16.76 -28.79 -34.04
CA LEU A 208 15.49 -29.49 -33.71
C LEU A 208 15.29 -30.72 -34.61
N LEU A 209 16.23 -31.00 -35.51
CA LEU A 209 16.15 -32.13 -36.48
C LEU A 209 16.95 -33.32 -35.98
N PRO B 13 -16.59 -27.48 33.71
CA PRO B 13 -17.89 -27.01 34.23
C PRO B 13 -18.28 -25.60 33.76
N HIS B 14 -17.40 -24.59 33.87
CA HIS B 14 -17.66 -23.21 33.35
C HIS B 14 -16.82 -22.98 32.09
N PRO B 15 -17.41 -23.01 30.89
CA PRO B 15 -16.64 -22.78 29.67
C PRO B 15 -16.20 -21.31 29.52
N LEU B 16 -15.10 -21.11 28.81
CA LEU B 16 -14.53 -19.77 28.57
C LEU B 16 -15.13 -19.20 27.30
N THR B 17 -15.20 -17.87 27.18
CA THR B 17 -15.51 -17.19 25.91
C THR B 17 -14.30 -17.28 24.97
N LEU B 18 -14.52 -17.10 23.66
CA LEU B 18 -13.45 -17.00 22.66
C LEU B 18 -12.60 -15.76 22.96
N LEU B 19 -13.22 -14.67 23.45
CA LEU B 19 -12.52 -13.44 23.84
C LEU B 19 -11.57 -13.72 25.02
N GLN B 20 -11.97 -14.51 26.01
CA GLN B 20 -11.07 -14.90 27.11
C GLN B 20 -9.93 -15.76 26.55
N ILE B 21 -10.27 -16.73 25.72
CA ILE B 21 -9.29 -17.71 25.16
C ILE B 21 -8.25 -16.96 24.33
N SER B 22 -8.64 -15.92 23.59
CA SER B 22 -7.72 -15.14 22.73
C SER B 22 -6.97 -14.06 23.53
N GLY B 23 -7.42 -13.70 24.73
CA GLY B 23 -6.81 -12.65 25.55
C GLY B 23 -7.20 -11.25 25.07
N ARG B 24 -8.25 -11.13 24.25
CA ARG B 24 -8.66 -9.84 23.61
C ARG B 24 -10.04 -9.40 24.12
N GLY B 25 -10.45 -9.89 25.28
CA GLY B 25 -11.67 -9.45 25.95
C GLY B 25 -11.47 -8.08 26.54
N TYR B 26 -12.56 -7.48 26.97
CA TYR B 26 -12.58 -6.12 27.55
C TYR B 26 -13.70 -6.13 28.57
N PRO B 27 -13.61 -5.29 29.61
CA PRO B 27 -14.69 -5.21 30.59
C PRO B 27 -15.86 -4.44 29.99
N PRO B 28 -17.05 -4.56 30.59
CA PRO B 28 -18.16 -3.68 30.23
C PRO B 28 -17.76 -2.21 30.36
N ALA B 29 -18.13 -1.38 29.39
CA ALA B 29 -17.79 0.05 29.40
C ALA B 29 -18.87 0.83 30.16
N PRO B 30 -18.48 1.71 31.10
CA PRO B 30 -19.46 2.56 31.78
C PRO B 30 -20.12 3.47 30.74
N LEU B 31 -21.39 3.78 30.95
CA LEU B 31 -22.16 4.68 30.06
C LEU B 31 -21.39 5.98 29.79
N ARG B 32 -20.77 6.56 30.83
CA ARG B 32 -20.01 7.85 30.81
C ARG B 32 -18.85 7.84 29.81
N GLN B 33 -18.31 6.67 29.42
CA GLN B 33 -17.14 6.57 28.50
C GLN B 33 -17.56 6.16 27.09
N SER B 34 -18.85 6.03 26.83
CA SER B 34 -19.39 5.27 25.67
C SER B 34 -20.18 6.21 24.75
N THR B 35 -20.41 5.76 23.53
CA THR B 35 -21.55 6.22 22.69
C THR B 35 -22.70 5.24 22.88
N LEU B 36 -23.90 5.77 23.18
CA LEU B 36 -25.13 4.97 23.35
C LEU B 36 -25.79 4.85 21.98
N LEU B 37 -26.00 3.61 21.51
CA LEU B 37 -26.58 3.29 20.18
C LEU B 37 -27.90 2.57 20.38
N ILE B 38 -29.02 3.21 20.04
CA ILE B 38 -30.40 2.69 20.31
C ILE B 38 -31.00 2.22 18.99
N ILE B 39 -31.24 0.92 18.87
CA ILE B 39 -31.61 0.33 17.56
C ILE B 39 -33.13 0.07 17.54
N ASP B 40 -33.81 0.80 16.65
CA ASP B 40 -35.18 0.52 16.13
C ASP B 40 -36.14 0.44 17.31
N ALA B 41 -36.05 1.40 18.23
CA ALA B 41 -37.04 1.58 19.32
C ALA B 41 -38.32 2.20 18.72
N GLN B 42 -39.09 1.41 17.95
CA GLN B 42 -40.16 1.93 17.08
C GLN B 42 -41.50 1.28 17.41
N GLU B 43 -42.58 1.97 17.03
CA GLU B 43 -43.97 1.69 17.44
C GLU B 43 -44.46 0.34 16.88
N GLU B 44 -43.85 -0.17 15.81
CA GLU B 44 -44.12 -1.53 15.24
C GLU B 44 -44.11 -2.61 16.33
N TYR B 45 -43.18 -2.48 17.29
CA TYR B 45 -42.95 -3.49 18.35
C TYR B 45 -43.99 -3.34 19.47
N ARG B 46 -44.78 -2.26 19.48
CA ARG B 46 -45.84 -2.04 20.52
C ARG B 46 -47.25 -2.23 19.93
N SER B 47 -47.55 -1.53 18.83
CA SER B 47 -48.91 -1.52 18.22
C SER B 47 -48.88 -1.99 16.77
N GLY B 48 -47.78 -2.58 16.28
CA GLY B 48 -47.70 -3.08 14.89
C GLY B 48 -47.86 -4.59 14.83
N ALA B 49 -47.20 -5.25 13.88
CA ALA B 49 -47.29 -6.70 13.63
C ALA B 49 -46.24 -7.49 14.41
N LEU B 50 -45.27 -6.84 15.08
CA LEU B 50 -44.19 -7.53 15.83
C LEU B 50 -44.23 -7.12 17.29
N ARG B 51 -45.32 -7.43 17.99
CA ARG B 51 -45.52 -7.00 19.39
C ARG B 51 -44.62 -7.86 20.27
N LEU B 52 -43.54 -7.30 20.82
CA LEU B 52 -42.56 -8.09 21.61
C LEU B 52 -43.11 -8.21 23.03
N PRO B 53 -43.10 -9.40 23.64
CA PRO B 53 -43.60 -9.54 25.01
C PRO B 53 -42.75 -8.72 26.00
N GLY B 54 -41.48 -8.54 25.70
CA GLY B 54 -40.54 -7.91 26.65
C GLY B 54 -40.25 -6.46 26.33
N LEU B 55 -41.06 -5.80 25.49
CA LEU B 55 -40.73 -4.44 25.00
C LEU B 55 -40.68 -3.47 26.18
N ASP B 56 -41.68 -3.51 27.07
CA ASP B 56 -41.79 -2.47 28.11
C ASP B 56 -40.58 -2.57 29.05
N ALA B 57 -40.22 -3.79 29.45
CA ALA B 57 -39.12 -4.06 30.39
C ALA B 57 -37.84 -3.52 29.75
N ALA B 58 -37.62 -3.83 28.48
CA ALA B 58 -36.45 -3.37 27.73
C ALA B 58 -36.50 -1.85 27.60
N ALA B 59 -37.66 -1.27 27.26
CA ALA B 59 -37.77 0.20 27.07
C ALA B 59 -37.48 0.95 28.38
N ALA B 60 -37.88 0.40 29.51
CA ALA B 60 -37.60 0.99 30.86
C ALA B 60 -36.08 1.05 31.06
N GLU B 61 -35.37 -0.04 30.75
CA GLU B 61 -33.90 -0.14 30.90
C GLU B 61 -33.20 0.80 29.90
N ILE B 62 -33.68 0.90 28.66
CA ILE B 62 -33.08 1.86 27.71
C ILE B 62 -33.34 3.28 28.25
N GLY B 63 -34.55 3.55 28.75
CA GLY B 63 -34.89 4.87 29.35
C GLY B 63 -33.90 5.27 30.44
N VAL B 64 -33.53 4.34 31.32
CA VAL B 64 -32.49 4.57 32.37
C VAL B 64 -31.19 5.02 31.70
N LEU B 65 -30.74 4.33 30.64
CA LEU B 65 -29.47 4.68 29.94
C LEU B 65 -29.61 6.05 29.28
N VAL B 66 -30.73 6.32 28.60
CA VAL B 66 -30.95 7.61 27.90
C VAL B 66 -30.95 8.76 28.93
N GLN B 67 -31.55 8.58 30.09
CA GLN B 67 -31.67 9.66 31.11
C GLN B 67 -30.28 9.99 31.65
N ALA B 68 -29.51 8.97 32.00
CA ALA B 68 -28.13 9.11 32.52
C ALA B 68 -27.26 9.75 31.43
N ALA B 69 -27.44 9.35 30.17
CA ALA B 69 -26.57 9.85 29.08
C ALA B 69 -26.87 11.34 28.92
N ARG B 70 -28.16 11.71 28.92
CA ARG B 70 -28.58 13.12 28.68
C ARG B 70 -28.05 13.99 29.82
N ALA B 71 -28.14 13.48 31.05
CA ALA B 71 -27.61 14.09 32.29
C ALA B 71 -26.10 14.32 32.20
N SER B 72 -25.33 13.43 31.59
CA SER B 72 -23.84 13.42 31.69
C SER B 72 -23.19 13.83 30.37
N GLY B 73 -23.99 14.28 29.39
CA GLY B 73 -23.49 14.73 28.06
C GLY B 73 -22.88 13.60 27.24
N THR B 74 -23.36 12.38 27.43
CA THR B 74 -22.92 11.16 26.68
C THR B 74 -23.62 11.18 25.33
N PRO B 75 -22.92 10.96 24.19
CA PRO B 75 -23.58 11.00 22.89
C PRO B 75 -24.61 9.87 22.73
N ILE B 76 -25.72 10.18 22.07
CA ILE B 76 -26.76 9.16 21.80
C ILE B 76 -26.96 9.15 20.30
N VAL B 77 -26.85 7.99 19.66
CA VAL B 77 -27.25 7.81 18.24
C VAL B 77 -28.48 6.91 18.19
N HIS B 78 -29.55 7.40 17.57
CA HIS B 78 -30.83 6.67 17.34
C HIS B 78 -30.78 6.05 15.95
N VAL B 79 -31.09 4.77 15.87
CA VAL B 79 -31.23 4.03 14.58
C VAL B 79 -32.70 3.76 14.41
N ARG B 80 -33.23 4.06 13.23
CA ARG B 80 -34.63 3.80 12.85
C ARG B 80 -34.65 2.99 11.56
N HIS B 81 -35.45 1.93 11.54
CA HIS B 81 -35.64 1.09 10.33
C HIS B 81 -36.61 1.81 9.39
N LEU B 82 -36.26 1.89 8.10
CA LEU B 82 -37.16 2.45 7.07
C LEU B 82 -37.77 1.30 6.29
N GLY B 83 -39.04 1.03 6.53
CA GLY B 83 -39.74 -0.02 5.80
C GLY B 83 -40.38 0.52 4.54
N ILE B 84 -41.13 -0.33 3.85
CA ILE B 84 -41.81 0.07 2.58
C ILE B 84 -43.23 0.52 2.92
N GLN B 85 -43.86 1.27 2.01
CA GLN B 85 -45.25 1.74 2.21
C GLN B 85 -46.15 0.53 2.43
N GLY B 86 -47.03 0.64 3.42
CA GLY B 86 -47.94 -0.47 3.76
C GLY B 86 -47.26 -1.64 4.49
N GLY B 87 -45.92 -1.63 4.61
CA GLY B 87 -45.18 -2.76 5.19
C GLY B 87 -44.83 -2.53 6.65
N LEU B 88 -44.02 -3.44 7.22
CA LEU B 88 -43.34 -3.28 8.54
C LEU B 88 -42.55 -1.96 8.53
N PHE B 89 -42.65 -1.19 9.60
CA PHE B 89 -41.85 0.04 9.86
C PHE B 89 -42.14 1.12 8.79
N ASP B 90 -43.36 1.14 8.23
CA ASP B 90 -43.79 2.16 7.23
C ASP B 90 -43.45 3.57 7.71
N PRO B 91 -42.50 4.31 7.09
CA PRO B 91 -42.12 5.62 7.60
C PRO B 91 -43.26 6.64 7.42
N GLN B 92 -44.28 6.28 6.64
CA GLN B 92 -45.44 7.14 6.29
C GLN B 92 -46.57 6.95 7.33
N GLY B 93 -46.44 5.97 8.24
CA GLY B 93 -47.46 5.66 9.25
C GLY B 93 -46.90 5.69 10.67
N PRO B 94 -47.77 5.49 11.69
CA PRO B 94 -47.35 5.54 13.09
C PRO B 94 -46.39 4.40 13.46
N ARG B 95 -46.48 3.25 12.78
CA ARG B 95 -45.73 2.02 13.15
C ARG B 95 -44.22 2.24 12.93
N GLY B 96 -43.84 3.17 12.06
CA GLY B 96 -42.43 3.49 11.75
C GLY B 96 -41.87 4.53 12.69
N GLN B 97 -42.70 5.19 13.49
CA GLN B 97 -42.27 6.27 14.40
C GLN B 97 -41.58 5.66 15.63
N PHE B 98 -40.73 6.45 16.28
CA PHE B 98 -40.15 6.13 17.60
C PHE B 98 -41.23 5.98 18.68
N LEU B 99 -41.05 5.00 19.55
CA LEU B 99 -41.78 4.90 20.84
C LEU B 99 -41.62 6.24 21.57
N PRO B 100 -42.73 6.79 22.11
CA PRO B 100 -42.74 8.17 22.59
C PRO B 100 -41.72 8.37 23.70
N GLU B 101 -41.56 7.37 24.55
CA GLU B 101 -40.64 7.46 25.72
C GLU B 101 -39.18 7.39 25.26
N LEU B 102 -38.90 6.99 24.02
CA LEU B 102 -37.48 6.92 23.53
C LEU B 102 -37.30 7.79 22.29
N GLN B 103 -38.00 8.93 22.22
CA GLN B 103 -37.83 9.90 21.11
C GLN B 103 -36.48 10.58 21.22
N PRO B 104 -35.86 10.89 20.06
CA PRO B 104 -34.64 11.67 20.07
C PRO B 104 -34.91 13.08 20.63
N GLU B 105 -33.90 13.65 21.26
CA GLU B 105 -34.03 15.05 21.76
C GLU B 105 -33.05 15.91 20.98
N ALA B 106 -33.09 17.23 21.18
CA ALA B 106 -32.28 18.16 20.38
C ALA B 106 -30.84 17.74 20.19
N GLY B 107 -30.42 17.62 18.93
CA GLY B 107 -29.00 17.36 18.65
C GLY B 107 -28.62 15.89 18.70
N GLU B 108 -29.57 15.03 19.03
CA GLU B 108 -29.28 13.58 18.99
C GLU B 108 -29.57 13.12 17.55
N LYS B 109 -28.58 12.50 16.92
CA LYS B 109 -28.75 12.15 15.49
C LYS B 109 -29.54 10.86 15.27
N VAL B 110 -30.26 10.78 14.16
CA VAL B 110 -31.03 9.59 13.72
C VAL B 110 -30.37 9.05 12.46
N VAL B 111 -30.10 7.77 12.43
CA VAL B 111 -29.58 7.00 11.27
C VAL B 111 -30.74 6.15 10.79
N GLU B 112 -31.18 6.34 9.54
CA GLU B 112 -32.26 5.55 8.91
C GLU B 112 -31.61 4.41 8.13
N LYS B 113 -32.02 3.16 8.34
CA LYS B 113 -31.35 1.98 7.76
C LYS B 113 -32.37 1.15 7.03
N ARG B 114 -31.93 0.38 6.02
CA ARG B 114 -32.77 -0.53 5.22
C ARG B 114 -32.46 -2.00 5.53
N LEU B 115 -31.36 -2.32 6.20
CA LEU B 115 -30.98 -3.73 6.44
C LEU B 115 -30.72 -3.97 7.93
N PRO B 116 -30.65 -5.24 8.38
CA PRO B 116 -30.39 -5.52 9.78
C PRO B 116 -29.08 -4.87 10.26
N ASN B 117 -28.05 -4.83 9.42
CA ASN B 117 -26.76 -4.19 9.76
C ASN B 117 -26.95 -2.66 9.68
N ALA B 118 -26.92 -1.96 10.82
CA ALA B 118 -27.12 -0.49 10.89
C ALA B 118 -25.99 0.27 10.17
N PHE B 119 -24.81 -0.31 9.93
CA PHE B 119 -23.71 0.36 9.20
C PHE B 119 -23.93 0.37 7.68
N SER B 120 -24.82 -0.47 7.16
CA SER B 120 -24.85 -0.84 5.73
C SER B 120 -25.67 0.19 4.95
N GLY B 121 -25.01 0.90 4.04
CA GLY B 121 -25.60 1.99 3.26
C GLY B 121 -25.97 3.18 4.12
N THR B 122 -25.35 3.37 5.29
CA THR B 122 -25.71 4.50 6.17
C THR B 122 -24.45 5.28 6.58
N GLU B 123 -24.60 6.37 7.32
N GLU B 123 -24.69 6.33 7.36
CA GLU B 123 -23.48 7.20 7.80
CA GLU B 123 -23.76 7.33 7.91
C GLU B 123 -23.11 6.83 9.25
C GLU B 123 -23.14 6.84 9.23
N LEU B 124 -23.52 5.66 9.74
CA LEU B 124 -23.29 5.28 11.17
C LEU B 124 -21.79 5.28 11.51
N HIS B 125 -20.93 4.71 10.66
CA HIS B 125 -19.46 4.67 10.88
C HIS B 125 -18.91 6.12 11.03
N ASP B 126 -19.32 7.02 10.16
CA ASP B 126 -18.95 8.47 10.21
C ASP B 126 -19.38 9.07 11.56
N LEU B 127 -20.64 8.90 11.95
CA LEU B 127 -21.19 9.50 13.20
C LEU B 127 -20.41 8.95 14.40
N LEU B 128 -20.21 7.65 14.45
CA LEU B 128 -19.51 7.01 15.60
C LEU B 128 -18.08 7.50 15.66
N GLN B 129 -17.39 7.58 14.52
CA GLN B 129 -15.99 8.11 14.46
C GLN B 129 -15.98 9.57 14.95
N ASN B 130 -16.97 10.38 14.57
CA ASN B 130 -17.06 11.82 14.97
C ASN B 130 -17.17 11.97 16.49
N HIS B 131 -17.79 11.01 17.20
CA HIS B 131 -17.90 11.08 18.69
C HIS B 131 -16.58 10.59 19.32
N GLY B 132 -15.78 9.81 18.60
CA GLY B 132 -14.42 9.38 19.00
C GLY B 132 -14.36 8.50 20.24
N ARG B 133 -15.40 7.74 20.55
CA ARG B 133 -15.38 6.69 21.61
C ARG B 133 -15.39 5.30 20.95
N LEU B 134 -14.42 4.46 21.34
CA LEU B 134 -14.30 3.05 20.89
C LEU B 134 -15.39 2.18 21.53
N ASP B 135 -15.89 2.58 22.70
CA ASP B 135 -16.91 1.84 23.47
C ASP B 135 -18.30 2.28 23.00
N LEU B 136 -19.06 1.34 22.42
CA LEU B 136 -20.51 1.49 22.15
C LEU B 136 -21.26 0.72 23.24
N ILE B 137 -22.37 1.29 23.71
CA ILE B 137 -23.40 0.53 24.45
C ILE B 137 -24.53 0.36 23.47
N VAL B 138 -24.88 -0.86 23.15
CA VAL B 138 -25.85 -1.11 22.06
C VAL B 138 -27.11 -1.70 22.71
N CYS B 139 -28.26 -1.15 22.40
CA CYS B 139 -29.53 -1.65 22.97
C CYS B 139 -30.59 -1.57 21.90
N GLY B 140 -31.76 -2.16 22.15
CA GLY B 140 -32.89 -2.07 21.22
C GLY B 140 -33.33 -3.39 20.67
N PHE B 141 -33.84 -3.39 19.44
CA PHE B 141 -34.71 -4.46 18.92
C PHE B 141 -34.41 -4.78 17.46
N MET B 142 -34.57 -6.04 17.05
CA MET B 142 -34.69 -7.24 17.86
C MET B 142 -33.30 -7.81 18.13
N THR B 143 -33.13 -8.41 19.32
CA THR B 143 -31.84 -8.95 19.82
C THR B 143 -31.11 -9.71 18.72
N HIS B 144 -31.80 -10.61 18.05
CA HIS B 144 -31.21 -11.68 17.18
C HIS B 144 -31.02 -11.22 15.73
N SER B 145 -31.62 -10.09 15.34
CA SER B 145 -31.59 -9.58 13.94
C SER B 145 -30.78 -8.27 13.89
N SER B 146 -31.39 -7.09 14.00
CA SER B 146 -30.65 -5.81 13.84
C SER B 146 -29.60 -5.60 14.93
N VAL B 147 -29.90 -5.95 16.18
CA VAL B 147 -28.96 -5.76 17.31
C VAL B 147 -27.75 -6.65 17.08
N SER B 148 -27.95 -7.96 17.00
CA SER B 148 -26.86 -8.95 16.82
C SER B 148 -26.02 -8.62 15.57
N THR B 149 -26.66 -8.31 14.45
CA THR B 149 -25.96 -8.04 13.18
C THR B 149 -25.11 -6.78 13.35
N THR B 150 -25.66 -5.76 13.99
CA THR B 150 -25.00 -4.45 14.10
C THR B 150 -23.79 -4.60 15.03
N VAL B 151 -23.92 -5.35 16.12
CA VAL B 151 -22.82 -5.59 17.08
C VAL B 151 -21.73 -6.38 16.38
N ARG B 152 -22.11 -7.39 15.57
CA ARG B 152 -21.11 -8.24 14.86
C ARG B 152 -20.35 -7.33 13.87
N ALA B 153 -21.06 -6.52 13.11
CA ALA B 153 -20.45 -5.56 12.15
C ALA B 153 -19.46 -4.63 12.87
N ALA B 154 -19.80 -4.14 14.07
CA ALA B 154 -19.00 -3.18 14.85
C ALA B 154 -17.58 -3.71 15.07
N LYS B 155 -17.44 -5.03 15.27
CA LYS B 155 -16.13 -5.69 15.51
C LYS B 155 -15.20 -5.42 14.33
N ASP B 156 -15.74 -5.46 13.10
CA ASP B 156 -14.93 -5.29 11.87
C ASP B 156 -14.30 -3.89 11.86
N TYR B 157 -14.90 -2.89 12.52
CA TYR B 157 -14.34 -1.50 12.54
C TYR B 157 -13.44 -1.28 13.76
N GLY B 158 -13.30 -2.26 14.67
CA GLY B 158 -12.47 -2.16 15.90
C GLY B 158 -13.21 -1.54 17.07
N TYR B 159 -14.53 -1.45 17.06
CA TYR B 159 -15.29 -0.99 18.24
C TYR B 159 -15.30 -2.10 19.29
N ARG B 160 -15.40 -1.67 20.55
CA ARG B 160 -15.80 -2.51 21.70
C ARG B 160 -17.30 -2.26 21.94
N CYS B 161 -18.06 -3.33 22.11
CA CYS B 161 -19.52 -3.28 22.32
C CYS B 161 -19.81 -3.80 23.73
N THR B 162 -20.68 -3.09 24.42
CA THR B 162 -21.25 -3.47 25.74
C THR B 162 -22.77 -3.56 25.57
N LEU B 163 -23.37 -4.65 26.02
CA LEU B 163 -24.84 -4.79 26.04
C LEU B 163 -25.28 -5.13 27.47
N ALA B 164 -26.37 -4.51 27.89
CA ALA B 164 -27.24 -5.01 28.97
C ALA B 164 -28.28 -5.96 28.37
N ASP B 165 -28.33 -7.20 28.86
CA ASP B 165 -29.32 -8.22 28.44
C ASP B 165 -30.73 -7.60 28.50
N SER B 166 -31.02 -6.88 29.59
CA SER B 166 -32.35 -6.30 29.93
C SER B 166 -32.75 -5.15 28.98
N ALA B 167 -31.83 -4.60 28.17
CA ALA B 167 -32.07 -3.43 27.29
C ALA B 167 -32.25 -3.84 25.82
N CYS B 168 -32.42 -5.14 25.57
N CYS B 168 -32.40 -5.12 25.53
CA CYS B 168 -32.78 -5.73 24.26
CA CYS B 168 -32.88 -5.56 24.19
C CYS B 168 -33.94 -6.70 24.42
C CYS B 168 -33.90 -6.69 24.38
N ALA B 169 -34.70 -6.92 23.35
CA ALA B 169 -35.75 -7.94 23.34
C ALA B 169 -36.01 -8.44 21.93
N THR B 170 -36.57 -9.63 21.86
CA THR B 170 -36.91 -10.26 20.58
C THR B 170 -38.30 -10.90 20.72
N ARG B 171 -38.64 -11.82 19.79
CA ARG B 171 -39.95 -12.51 19.71
C ARG B 171 -39.72 -14.01 19.55
N ASP B 172 -40.77 -14.79 19.74
CA ASP B 172 -40.81 -16.23 19.38
C ASP B 172 -40.56 -16.36 17.87
N ILE B 173 -39.77 -17.34 17.46
CA ILE B 173 -39.48 -17.63 16.02
C ILE B 173 -39.64 -19.11 15.76
N PRO B 174 -39.98 -19.52 14.52
CA PRO B 174 -40.11 -20.93 14.20
C PRO B 174 -38.73 -21.60 14.09
N THR B 175 -38.71 -22.89 14.37
CA THR B 175 -37.56 -23.81 14.15
C THR B 175 -37.97 -24.88 13.11
N LEU B 176 -37.06 -25.79 12.79
CA LEU B 176 -37.34 -26.92 11.86
C LEU B 176 -38.48 -27.77 12.42
N ASN B 177 -39.28 -28.38 11.54
CA ASN B 177 -40.28 -29.42 11.93
C ASN B 177 -41.36 -28.77 12.81
N GLY B 178 -41.82 -27.57 12.44
CA GLY B 178 -42.97 -26.88 13.07
C GLY B 178 -42.73 -26.49 14.52
N GLY B 179 -41.51 -26.55 15.05
CA GLY B 179 -41.23 -26.15 16.44
C GLY B 179 -41.26 -24.64 16.62
N VAL B 180 -41.24 -24.17 17.87
CA VAL B 180 -41.16 -22.71 18.21
C VAL B 180 -40.01 -22.51 19.20
N LEU B 181 -39.18 -21.49 18.98
CA LEU B 181 -38.15 -21.08 19.97
C LEU B 181 -38.72 -19.89 20.71
N SER B 182 -38.82 -19.93 22.02
CA SER B 182 -39.42 -18.81 22.79
C SER B 182 -38.53 -17.56 22.66
N ALA B 183 -39.13 -16.38 22.77
CA ALA B 183 -38.43 -15.08 22.88
C ALA B 183 -37.33 -15.15 23.94
N ALA B 184 -37.59 -15.75 25.11
CA ALA B 184 -36.60 -15.80 26.23
C ALA B 184 -35.42 -16.69 25.85
N ASP B 185 -35.68 -17.84 25.25
CA ASP B 185 -34.61 -18.80 24.85
C ASP B 185 -33.74 -18.19 23.75
N LEU B 186 -34.36 -17.52 22.77
CA LEU B 186 -33.65 -16.86 21.66
C LEU B 186 -32.77 -15.75 22.25
N GLN B 187 -33.32 -14.96 23.17
CA GLN B 187 -32.60 -13.85 23.84
C GLN B 187 -31.36 -14.43 24.56
N ARG B 188 -31.56 -15.47 25.35
CA ARG B 188 -30.48 -16.03 26.17
C ARG B 188 -29.36 -16.50 25.24
N ALA B 189 -29.73 -17.17 24.14
CA ALA B 189 -28.73 -17.75 23.21
C ALA B 189 -28.00 -16.62 22.46
N GLU B 190 -28.74 -15.63 21.97
CA GLU B 190 -28.12 -14.58 21.12
C GLU B 190 -27.26 -13.66 22.00
N ILE B 191 -27.70 -13.33 23.21
CA ILE B 191 -26.83 -12.55 24.14
C ILE B 191 -25.57 -13.34 24.45
N ALA B 192 -25.67 -14.66 24.72
CA ALA B 192 -24.51 -15.53 25.03
C ALA B 192 -23.55 -15.57 23.82
N ALA B 193 -24.10 -15.70 22.62
CA ALA B 193 -23.27 -15.70 21.39
C ALA B 193 -22.50 -14.39 21.26
N LEU B 194 -23.13 -13.25 21.53
CA LEU B 194 -22.45 -11.94 21.42
C LEU B 194 -21.37 -11.84 22.52
N GLY B 195 -21.66 -12.36 23.71
CA GLY B 195 -20.70 -12.39 24.82
C GLY B 195 -19.50 -13.26 24.48
N ASP B 196 -19.69 -14.27 23.63
CA ASP B 196 -18.60 -15.22 23.29
C ASP B 196 -17.52 -14.49 22.50
N ASN B 197 -17.90 -13.65 21.52
CA ASN B 197 -16.86 -13.13 20.59
C ASN B 197 -17.10 -11.70 20.10
N PHE B 198 -18.06 -10.95 20.63
CA PHE B 198 -18.49 -9.67 20.02
C PHE B 198 -18.76 -8.54 21.01
N ALA B 199 -18.75 -8.81 22.33
CA ALA B 199 -19.31 -7.87 23.32
C ALA B 199 -18.93 -8.24 24.74
N ALA B 200 -18.90 -7.24 25.61
CA ALA B 200 -19.02 -7.40 27.08
C ALA B 200 -20.52 -7.34 27.44
N ILE B 201 -20.98 -8.30 28.23
CA ILE B 201 -22.41 -8.44 28.62
C ILE B 201 -22.54 -8.15 30.12
N VAL B 202 -23.52 -7.31 30.47
CA VAL B 202 -24.05 -7.21 31.87
C VAL B 202 -25.54 -7.57 31.88
N ALA B 203 -26.09 -7.83 33.07
CA ALA B 203 -27.50 -8.25 33.22
C ALA B 203 -28.40 -7.04 33.04
N GLN B 204 -28.07 -5.88 33.62
CA GLN B 204 -29.02 -4.76 33.67
C GLN B 204 -28.32 -3.43 33.50
N ALA B 205 -29.06 -2.44 33.02
CA ALA B 205 -28.60 -1.08 32.67
C ALA B 205 -27.86 -0.41 33.83
N ARG B 206 -28.36 -0.56 35.07
CA ARG B 206 -27.78 0.10 36.28
C ARG B 206 -26.32 -0.29 36.49
N GLU B 207 -25.88 -1.46 36.02
CA GLU B 207 -24.44 -1.84 36.15
C GLU B 207 -23.56 -0.92 35.29
N LEU B 208 -24.11 -0.17 34.33
CA LEU B 208 -23.29 0.71 33.46
C LEU B 208 -23.29 2.15 33.96
N LEU B 209 -24.04 2.46 35.04
CA LEU B 209 -24.18 3.85 35.55
C LEU B 209 -23.13 4.13 36.64
N HIS C 14 -48.05 -21.55 13.65
CA HIS C 14 -46.67 -21.27 14.20
C HIS C 14 -46.27 -19.88 13.70
N PRO C 15 -45.38 -19.14 14.43
CA PRO C 15 -44.99 -17.79 14.04
C PRO C 15 -44.30 -17.77 12.66
N LEU C 16 -44.51 -16.73 11.88
CA LEU C 16 -43.83 -16.54 10.57
C LEU C 16 -42.43 -15.95 10.82
N THR C 17 -41.51 -16.27 9.91
CA THR C 17 -40.18 -15.65 9.82
C THR C 17 -40.40 -14.24 9.30
N LEU C 18 -39.42 -13.36 9.49
CA LEU C 18 -39.47 -12.00 8.92
C LEU C 18 -39.42 -12.11 7.40
N LEU C 19 -38.73 -13.14 6.90
CA LEU C 19 -38.62 -13.31 5.43
C LEU C 19 -40.02 -13.57 4.85
N GLN C 20 -40.83 -14.36 5.54
CA GLN C 20 -42.22 -14.63 5.09
C GLN C 20 -43.08 -13.36 5.20
N ILE C 21 -42.99 -12.67 6.34
CA ILE C 21 -43.83 -11.48 6.57
C ILE C 21 -43.52 -10.44 5.49
N SER C 22 -42.24 -10.29 5.13
CA SER C 22 -41.84 -9.27 4.13
C SER C 22 -41.98 -9.82 2.71
N GLY C 23 -42.32 -11.10 2.58
CA GLY C 23 -42.37 -11.71 1.24
C GLY C 23 -41.03 -11.67 0.54
N ARG C 24 -39.92 -11.72 1.30
CA ARG C 24 -38.57 -11.72 0.71
C ARG C 24 -37.92 -13.10 0.92
N GLY C 25 -38.73 -14.10 1.22
CA GLY C 25 -38.22 -15.44 1.48
C GLY C 25 -37.81 -16.19 0.24
N TYR C 26 -37.14 -17.31 0.44
CA TYR C 26 -36.65 -18.11 -0.71
C TYR C 26 -36.45 -19.54 -0.22
N PRO C 27 -36.65 -20.51 -1.12
CA PRO C 27 -36.48 -21.90 -0.76
C PRO C 27 -35.02 -22.30 -0.63
N PRO C 28 -34.71 -23.36 0.13
CA PRO C 28 -33.36 -23.91 0.13
C PRO C 28 -32.85 -24.22 -1.29
N ALA C 29 -31.64 -23.82 -1.61
CA ALA C 29 -31.04 -24.06 -2.95
C ALA C 29 -30.35 -25.42 -2.93
N PRO C 30 -30.55 -26.22 -3.99
CA PRO C 30 -29.74 -27.41 -4.20
C PRO C 30 -28.28 -27.03 -4.47
N LEU C 31 -27.39 -27.93 -4.06
CA LEU C 31 -25.94 -27.84 -4.25
C LEU C 31 -25.62 -27.54 -5.71
N ARG C 32 -26.32 -28.16 -6.65
CA ARG C 32 -26.04 -28.04 -8.11
C ARG C 32 -26.21 -26.60 -8.60
N GLN C 33 -26.94 -25.73 -7.90
CA GLN C 33 -27.16 -24.36 -8.40
C GLN C 33 -26.39 -23.38 -7.50
N SER C 34 -25.55 -23.87 -6.60
CA SER C 34 -24.99 -23.04 -5.49
C SER C 34 -23.48 -23.00 -5.56
N THR C 35 -22.89 -21.98 -4.93
CA THR C 35 -21.47 -22.00 -4.52
C THR C 35 -21.38 -22.57 -3.11
N LEU C 36 -20.52 -23.58 -2.91
CA LEU C 36 -20.31 -24.19 -1.57
C LEU C 36 -19.23 -23.40 -0.82
N LEU C 37 -19.59 -22.84 0.34
CA LEU C 37 -18.68 -21.99 1.15
C LEU C 37 -18.39 -22.72 2.47
N ILE C 38 -17.15 -23.16 2.66
CA ILE C 38 -16.76 -23.97 3.85
C ILE C 38 -15.98 -23.11 4.81
N ILE C 39 -16.53 -22.84 5.99
CA ILE C 39 -15.90 -21.91 6.95
C ILE C 39 -15.08 -22.65 8.01
N ASP C 40 -13.78 -22.40 7.98
CA ASP C 40 -12.81 -22.65 9.08
C ASP C 40 -12.86 -24.12 9.51
N ALA C 41 -12.86 -25.05 8.56
CA ALA C 41 -12.75 -26.49 8.88
C ALA C 41 -11.27 -26.77 9.20
N GLN C 42 -10.86 -26.40 10.42
CA GLN C 42 -9.45 -26.31 10.85
C GLN C 42 -9.18 -27.23 12.05
N GLU C 43 -7.90 -27.61 12.19
CA GLU C 43 -7.37 -28.58 13.18
C GLU C 43 -7.60 -28.09 14.61
N GLU C 44 -7.65 -26.77 14.83
CA GLU C 44 -7.97 -26.13 16.13
C GLU C 44 -9.15 -26.83 16.79
N TYR C 45 -10.16 -27.21 15.99
CA TYR C 45 -11.46 -27.73 16.45
C TYR C 45 -11.37 -29.23 16.81
N ARG C 46 -10.27 -29.88 16.45
CA ARG C 46 -10.02 -31.31 16.75
C ARG C 46 -9.02 -31.42 17.90
N SER C 47 -7.90 -30.70 17.86
CA SER C 47 -6.73 -30.91 18.76
C SER C 47 -6.24 -29.62 19.41
N GLY C 48 -6.95 -28.48 19.25
CA GLY C 48 -6.56 -27.20 19.86
C GLY C 48 -7.37 -26.91 21.11
N ALA C 49 -7.67 -25.64 21.34
CA ALA C 49 -8.36 -25.11 22.53
C ALA C 49 -9.88 -25.16 22.34
N LEU C 50 -10.37 -25.49 21.15
CA LEU C 50 -11.82 -25.39 20.83
C LEU C 50 -12.30 -26.74 20.33
N ARG C 51 -12.18 -27.80 21.13
CA ARG C 51 -12.52 -29.17 20.63
C ARG C 51 -14.03 -29.30 20.60
N LEU C 52 -14.64 -29.17 19.43
CA LEU C 52 -16.12 -29.26 19.31
C LEU C 52 -16.55 -30.71 19.52
N PRO C 53 -17.55 -30.96 20.40
CA PRO C 53 -18.00 -32.32 20.67
C PRO C 53 -18.60 -32.92 19.39
N GLY C 54 -19.24 -32.11 18.53
CA GLY C 54 -19.92 -32.62 17.32
C GLY C 54 -19.11 -32.42 16.05
N LEU C 55 -17.80 -32.24 16.13
CA LEU C 55 -16.93 -31.97 14.95
C LEU C 55 -17.06 -33.09 13.93
N ASP C 56 -16.85 -34.35 14.33
CA ASP C 56 -16.80 -35.47 13.34
C ASP C 56 -18.15 -35.60 12.62
N ALA C 57 -19.28 -35.51 13.34
CA ALA C 57 -20.59 -35.65 12.69
C ALA C 57 -20.78 -34.53 11.67
N ALA C 58 -20.40 -33.28 12.00
CA ALA C 58 -20.59 -32.12 11.09
C ALA C 58 -19.61 -32.21 9.90
N ALA C 59 -18.36 -32.56 10.18
CA ALA C 59 -17.31 -32.73 9.14
C ALA C 59 -17.71 -33.83 8.17
N ALA C 60 -18.31 -34.91 8.65
CA ALA C 60 -18.90 -35.97 7.79
C ALA C 60 -19.92 -35.36 6.82
N GLU C 61 -20.77 -34.45 7.29
CA GLU C 61 -21.87 -33.87 6.49
C GLU C 61 -21.30 -32.87 5.47
N ILE C 62 -20.26 -32.14 5.86
CA ILE C 62 -19.54 -31.22 4.93
C ILE C 62 -18.90 -32.10 3.84
N GLY C 63 -18.32 -33.23 4.23
CA GLY C 63 -17.69 -34.17 3.28
C GLY C 63 -18.66 -34.65 2.21
N VAL C 64 -19.91 -34.98 2.58
CA VAL C 64 -20.99 -35.35 1.63
C VAL C 64 -21.16 -34.21 0.63
N LEU C 65 -21.29 -32.97 1.09
CA LEU C 65 -21.46 -31.81 0.19
C LEU C 65 -20.24 -31.67 -0.74
N VAL C 66 -19.02 -31.78 -0.18
CA VAL C 66 -17.73 -31.58 -0.90
C VAL C 66 -17.63 -32.63 -2.01
N GLN C 67 -17.81 -33.89 -1.65
CA GLN C 67 -17.78 -35.02 -2.60
C GLN C 67 -18.78 -34.73 -3.73
N ALA C 68 -20.02 -34.37 -3.42
CA ALA C 68 -21.07 -34.10 -4.43
C ALA C 68 -20.71 -32.89 -5.30
N ALA C 69 -20.11 -31.84 -4.72
CA ALA C 69 -19.75 -30.61 -5.47
C ALA C 69 -18.63 -30.95 -6.47
N ARG C 70 -17.62 -31.69 -6.01
CA ARG C 70 -16.46 -32.11 -6.84
C ARG C 70 -16.94 -33.02 -7.99
N ALA C 71 -17.94 -33.86 -7.77
CA ALA C 71 -18.43 -34.85 -8.76
C ALA C 71 -19.29 -34.15 -9.83
N SER C 72 -19.81 -32.96 -9.56
CA SER C 72 -20.81 -32.26 -10.40
C SER C 72 -20.34 -30.87 -10.84
N GLY C 73 -19.04 -30.55 -10.75
CA GLY C 73 -18.47 -29.21 -11.04
C GLY C 73 -19.16 -28.05 -10.29
N THR C 74 -19.60 -28.22 -9.06
CA THR C 74 -20.10 -27.08 -8.24
C THR C 74 -18.89 -26.37 -7.65
N PRO C 75 -18.78 -25.03 -7.75
CA PRO C 75 -17.62 -24.34 -7.19
C PRO C 75 -17.60 -24.44 -5.66
N ILE C 76 -16.38 -24.55 -5.10
CA ILE C 76 -16.12 -24.65 -3.65
C ILE C 76 -15.12 -23.55 -3.26
N VAL C 77 -15.48 -22.74 -2.28
CA VAL C 77 -14.57 -21.74 -1.66
C VAL C 77 -14.31 -22.14 -0.22
N HIS C 78 -13.04 -22.15 0.18
CA HIS C 78 -12.62 -22.52 1.55
C HIS C 78 -12.22 -21.24 2.27
N VAL C 79 -12.70 -21.08 3.49
CA VAL C 79 -12.26 -19.96 4.35
C VAL C 79 -11.39 -20.56 5.46
N ARG C 80 -10.24 -19.95 5.71
CA ARG C 80 -9.30 -20.33 6.79
C ARG C 80 -9.12 -19.11 7.69
N HIS C 81 -9.27 -19.32 8.98
CA HIS C 81 -9.00 -18.30 10.01
C HIS C 81 -7.52 -18.27 10.37
N LEU C 82 -6.92 -17.08 10.38
CA LEU C 82 -5.52 -16.84 10.83
C LEU C 82 -5.55 -16.25 12.23
N GLY C 83 -4.98 -16.94 13.21
CA GLY C 83 -4.92 -16.49 14.62
C GLY C 83 -3.53 -16.06 15.04
N ILE C 84 -2.98 -16.69 16.08
CA ILE C 84 -1.82 -16.22 16.89
C ILE C 84 -0.63 -17.16 16.66
N GLN C 85 0.56 -16.63 16.38
CA GLN C 85 1.78 -17.44 16.18
C GLN C 85 1.96 -18.39 17.38
N GLY C 86 1.99 -19.71 17.13
CA GLY C 86 2.16 -20.76 18.15
C GLY C 86 0.86 -21.16 18.87
N GLY C 87 -0.23 -20.41 18.69
CA GLY C 87 -1.48 -20.53 19.50
C GLY C 87 -2.72 -20.79 18.65
N LEU C 88 -3.84 -20.13 19.00
CA LEU C 88 -5.20 -20.28 18.41
C LEU C 88 -5.10 -20.13 16.90
N PHE C 89 -5.53 -21.10 16.12
CA PHE C 89 -5.54 -21.01 14.64
C PHE C 89 -4.15 -20.57 14.14
N ASP C 90 -3.11 -21.16 14.74
CA ASP C 90 -1.67 -20.94 14.43
C ASP C 90 -1.51 -20.82 12.91
N PRO C 91 -1.33 -19.62 12.34
CA PRO C 91 -1.38 -19.45 10.89
C PRO C 91 -0.52 -20.40 10.05
N GLN C 92 0.70 -20.70 10.50
CA GLN C 92 1.64 -21.59 9.78
C GLN C 92 1.98 -22.80 10.66
N GLY C 93 1.14 -23.10 11.66
CA GLY C 93 1.30 -24.29 12.49
C GLY C 93 0.13 -25.25 12.36
N PRO C 94 0.22 -26.42 13.03
CA PRO C 94 -0.78 -27.48 12.94
C PRO C 94 -2.22 -27.01 13.18
N ARG C 95 -2.43 -26.18 14.19
CA ARG C 95 -3.78 -25.81 14.67
C ARG C 95 -4.51 -24.98 13.60
N GLY C 96 -3.75 -24.21 12.82
CA GLY C 96 -4.27 -23.34 11.74
C GLY C 96 -4.54 -24.08 10.44
N GLN C 97 -4.13 -25.34 10.30
CA GLN C 97 -4.25 -26.05 9.00
C GLN C 97 -5.67 -26.61 8.88
N PHE C 98 -6.11 -26.83 7.65
CA PHE C 98 -7.38 -27.51 7.33
C PHE C 98 -7.35 -28.92 7.94
N LEU C 99 -8.52 -29.40 8.35
CA LEU C 99 -8.70 -30.83 8.69
C LEU C 99 -8.32 -31.63 7.44
N PRO C 100 -7.56 -32.73 7.56
CA PRO C 100 -7.03 -33.40 6.36
C PRO C 100 -8.15 -33.85 5.43
N GLU C 101 -9.28 -34.28 5.99
CA GLU C 101 -10.42 -34.82 5.17
C GLU C 101 -11.15 -33.68 4.46
N LEU C 102 -10.89 -32.40 4.79
CA LEU C 102 -11.61 -31.22 4.22
C LEU C 102 -10.58 -30.24 3.65
N GLN C 103 -9.48 -30.78 3.12
CA GLN C 103 -8.43 -30.03 2.41
C GLN C 103 -8.93 -29.59 1.03
N PRO C 104 -8.57 -28.37 0.60
CA PRO C 104 -8.84 -27.92 -0.76
C PRO C 104 -8.17 -28.83 -1.78
N GLU C 105 -8.77 -29.01 -2.93
CA GLU C 105 -8.14 -29.74 -4.07
C GLU C 105 -8.00 -28.78 -5.24
N ALA C 106 -7.52 -29.29 -6.38
CA ALA C 106 -7.65 -28.68 -7.73
C ALA C 106 -7.34 -27.20 -7.63
N GLY C 107 -8.14 -26.35 -8.26
CA GLY C 107 -8.03 -24.89 -8.10
C GLY C 107 -9.17 -24.36 -7.25
N GLU C 108 -9.53 -25.06 -6.18
CA GLU C 108 -10.50 -24.52 -5.18
C GLU C 108 -9.80 -23.40 -4.40
N LYS C 109 -10.36 -22.19 -4.40
CA LYS C 109 -9.73 -20.98 -3.80
C LYS C 109 -9.91 -20.99 -2.27
N VAL C 110 -8.90 -20.49 -1.55
CA VAL C 110 -8.86 -20.30 -0.08
C VAL C 110 -8.88 -18.78 0.21
N VAL C 111 -9.81 -18.35 1.05
CA VAL C 111 -9.88 -16.98 1.61
C VAL C 111 -9.32 -17.07 3.04
N GLU C 112 -8.24 -16.37 3.35
CA GLU C 112 -7.73 -16.25 4.73
C GLU C 112 -8.42 -15.04 5.36
N LYS C 113 -8.92 -15.18 6.58
CA LYS C 113 -9.60 -14.07 7.28
C LYS C 113 -9.03 -13.93 8.69
N ARG C 114 -9.20 -12.75 9.28
CA ARG C 114 -8.80 -12.48 10.69
C ARG C 114 -10.02 -12.09 11.52
N LEU C 115 -11.19 -11.95 10.92
CA LEU C 115 -12.42 -11.58 11.66
C LEU C 115 -13.46 -12.67 11.48
N PRO C 116 -14.50 -12.72 12.33
CA PRO C 116 -15.60 -13.69 12.13
C PRO C 116 -16.28 -13.50 10.78
N ASN C 117 -16.35 -12.26 10.29
CA ASN C 117 -16.99 -11.92 9.00
C ASN C 117 -16.01 -12.25 7.86
N ALA C 118 -16.26 -13.31 7.12
CA ALA C 118 -15.31 -13.82 6.09
C ALA C 118 -15.27 -12.87 4.87
N PHE C 119 -16.20 -11.93 4.75
CA PHE C 119 -16.20 -10.87 3.71
C PHE C 119 -15.24 -9.72 4.06
N SER C 120 -14.96 -9.49 5.34
CA SER C 120 -14.37 -8.22 5.80
C SER C 120 -12.88 -8.18 5.43
N GLY C 121 -12.54 -7.29 4.50
CA GLY C 121 -11.16 -7.08 4.03
C GLY C 121 -10.62 -8.28 3.27
N THR C 122 -11.50 -9.07 2.65
CA THR C 122 -11.08 -10.29 1.95
C THR C 122 -11.50 -10.19 0.48
N GLU C 123 -11.11 -11.19 -0.29
CA GLU C 123 -11.45 -11.32 -1.72
C GLU C 123 -12.77 -12.11 -1.87
N LEU C 124 -13.48 -12.46 -0.79
CA LEU C 124 -14.62 -13.41 -0.86
C LEU C 124 -15.70 -12.92 -1.83
N HIS C 125 -16.19 -11.68 -1.65
CA HIS C 125 -17.24 -11.11 -2.52
C HIS C 125 -16.83 -11.28 -4.00
N ASP C 126 -15.59 -10.90 -4.32
CA ASP C 126 -15.05 -10.93 -5.71
C ASP C 126 -15.04 -12.37 -6.21
N LEU C 127 -14.65 -13.34 -5.39
CA LEU C 127 -14.57 -14.76 -5.80
C LEU C 127 -15.99 -15.28 -6.02
N LEU C 128 -16.91 -14.99 -5.11
CA LEU C 128 -18.29 -15.48 -5.24
C LEU C 128 -18.93 -14.85 -6.48
N GLN C 129 -18.75 -13.55 -6.70
CA GLN C 129 -19.29 -12.86 -7.89
C GLN C 129 -18.74 -13.54 -9.16
N ASN C 130 -17.46 -13.88 -9.18
CA ASN C 130 -16.83 -14.49 -10.37
C ASN C 130 -17.52 -15.83 -10.71
N HIS C 131 -17.99 -16.57 -9.72
CA HIS C 131 -18.70 -17.86 -9.90
C HIS C 131 -20.14 -17.63 -10.42
N GLY C 132 -20.69 -16.43 -10.27
CA GLY C 132 -21.96 -16.03 -10.89
C GLY C 132 -23.20 -16.66 -10.27
N ARG C 133 -23.13 -17.29 -9.09
CA ARG C 133 -24.32 -17.94 -8.46
C ARG C 133 -24.76 -17.13 -7.24
N LEU C 134 -26.03 -16.75 -7.19
CA LEU C 134 -26.65 -15.96 -6.07
C LEU C 134 -26.83 -16.83 -4.82
N ASP C 135 -26.96 -18.14 -4.98
CA ASP C 135 -27.21 -19.10 -3.88
C ASP C 135 -25.88 -19.60 -3.33
N LEU C 136 -25.70 -19.43 -2.03
CA LEU C 136 -24.51 -19.93 -1.29
C LEU C 136 -25.03 -21.03 -0.37
N ILE C 137 -24.35 -22.16 -0.34
CA ILE C 137 -24.54 -23.13 0.76
C ILE C 137 -23.38 -22.90 1.73
N VAL C 138 -23.70 -22.50 2.95
CA VAL C 138 -22.67 -22.13 3.94
C VAL C 138 -22.66 -23.22 5.01
N CYS C 139 -21.47 -23.72 5.30
CA CYS C 139 -21.23 -24.74 6.34
C CYS C 139 -19.92 -24.47 7.09
N GLY C 140 -19.70 -25.21 8.17
CA GLY C 140 -18.45 -25.10 8.95
C GLY C 140 -18.67 -24.59 10.37
N PHE C 141 -17.69 -23.88 10.90
CA PHE C 141 -17.46 -23.70 12.37
C PHE C 141 -17.04 -22.28 12.65
N MET C 142 -17.46 -21.71 13.77
CA MET C 142 -18.50 -22.22 14.64
C MET C 142 -19.82 -21.55 14.25
N THR C 143 -20.90 -22.27 14.43
CA THR C 143 -22.26 -21.86 14.00
C THR C 143 -22.56 -20.42 14.40
N HIS C 144 -22.30 -20.06 15.66
CA HIS C 144 -22.80 -18.80 16.28
C HIS C 144 -21.84 -17.64 16.01
N SER C 145 -20.63 -17.92 15.52
CA SER C 145 -19.57 -16.88 15.40
C SER C 145 -19.27 -16.65 13.91
N SER C 146 -18.28 -17.32 13.33
CA SER C 146 -17.86 -17.09 11.91
C SER C 146 -19.00 -17.47 10.95
N VAL C 147 -19.71 -18.61 11.16
CA VAL C 147 -20.80 -19.00 10.22
C VAL C 147 -21.94 -17.96 10.22
N SER C 148 -22.54 -17.69 11.39
CA SER C 148 -23.64 -16.74 11.58
C SER C 148 -23.23 -15.34 11.07
N THR C 149 -22.05 -14.87 11.43
CA THR C 149 -21.58 -13.51 11.02
C THR C 149 -21.45 -13.45 9.48
N THR C 150 -20.86 -14.47 8.87
CA THR C 150 -20.65 -14.51 7.41
C THR C 150 -22.01 -14.59 6.69
N VAL C 151 -22.97 -15.36 7.19
CA VAL C 151 -24.32 -15.46 6.57
C VAL C 151 -25.02 -14.09 6.66
N ARG C 152 -24.98 -13.45 7.83
CA ARG C 152 -25.61 -12.12 8.03
C ARG C 152 -25.02 -11.11 7.05
N ALA C 153 -23.69 -11.09 6.96
CA ALA C 153 -22.95 -10.15 6.07
C ALA C 153 -23.36 -10.41 4.63
N ALA C 154 -23.56 -11.66 4.22
CA ALA C 154 -23.89 -12.01 2.82
C ALA C 154 -25.21 -11.35 2.40
N LYS C 155 -26.14 -11.13 3.33
CA LYS C 155 -27.43 -10.43 3.02
C LYS C 155 -27.15 -9.03 2.44
N ASP C 156 -26.15 -8.31 2.92
CA ASP C 156 -25.84 -6.92 2.49
C ASP C 156 -25.40 -6.91 1.02
N TYR C 157 -24.88 -8.02 0.50
CA TYR C 157 -24.42 -8.11 -0.91
C TYR C 157 -25.55 -8.64 -1.78
N GLY C 158 -26.65 -9.11 -1.18
CA GLY C 158 -27.83 -9.62 -1.91
C GLY C 158 -27.71 -11.09 -2.29
N TYR C 159 -26.84 -11.87 -1.62
CA TYR C 159 -26.81 -13.34 -1.78
C TYR C 159 -28.00 -13.96 -1.08
N ARG C 160 -28.38 -15.16 -1.53
CA ARG C 160 -29.30 -16.07 -0.83
C ARG C 160 -28.44 -17.17 -0.17
N CYS C 161 -28.66 -17.43 1.10
CA CYS C 161 -27.88 -18.44 1.85
C CYS C 161 -28.77 -19.62 2.19
N THR C 162 -28.23 -20.80 1.97
CA THR C 162 -28.79 -22.10 2.45
C THR C 162 -27.82 -22.72 3.45
N LEU C 163 -28.31 -23.18 4.61
CA LEU C 163 -27.51 -23.93 5.60
C LEU C 163 -28.22 -25.25 5.90
N ALA C 164 -27.43 -26.30 5.99
CA ALA C 164 -27.84 -27.58 6.60
C ALA C 164 -27.37 -27.56 8.06
N ASP C 165 -28.32 -27.68 8.98
CA ASP C 165 -28.04 -27.69 10.44
C ASP C 165 -26.91 -28.70 10.72
N SER C 166 -26.94 -29.87 10.07
CA SER C 166 -26.03 -31.01 10.34
C SER C 166 -24.60 -30.69 9.92
N ALA C 167 -24.37 -29.65 9.12
CA ALA C 167 -23.04 -29.39 8.50
C ALA C 167 -22.37 -28.19 9.18
N CYS C 168 -22.91 -27.73 10.30
CA CYS C 168 -22.36 -26.68 11.18
C CYS C 168 -22.24 -27.25 12.58
N ALA C 169 -21.27 -26.79 13.37
CA ALA C 169 -21.17 -27.16 14.80
C ALA C 169 -20.60 -26.02 15.63
N THR C 170 -20.89 -26.06 16.93
CA THR C 170 -20.36 -25.09 17.90
C THR C 170 -20.02 -25.83 19.21
N ARG C 171 -19.94 -25.09 20.31
CA ARG C 171 -19.50 -25.62 21.61
C ARG C 171 -20.39 -25.02 22.71
N ASP C 172 -20.34 -25.60 23.90
CA ASP C 172 -20.92 -24.95 25.10
C ASP C 172 -20.25 -23.58 25.31
N ILE C 173 -21.05 -22.56 25.68
CA ILE C 173 -20.53 -21.21 26.02
C ILE C 173 -21.17 -20.73 27.33
N PRO C 174 -20.52 -19.82 28.07
CA PRO C 174 -21.10 -19.35 29.33
C PRO C 174 -22.27 -18.39 29.07
N THR C 175 -23.15 -18.31 30.06
CA THR C 175 -24.18 -17.24 30.18
C THR C 175 -23.90 -16.43 31.45
N LEU C 176 -24.77 -15.50 31.75
CA LEU C 176 -24.69 -14.76 33.03
C LEU C 176 -24.89 -15.73 34.20
N ASN C 177 -24.33 -15.40 35.36
CA ASN C 177 -24.63 -16.08 36.64
C ASN C 177 -23.96 -17.44 36.71
N GLY C 178 -22.87 -17.66 35.96
CA GLY C 178 -22.17 -18.95 35.90
C GLY C 178 -22.99 -20.03 35.22
N GLY C 179 -23.99 -19.63 34.43
CA GLY C 179 -24.81 -20.57 33.63
C GLY C 179 -24.01 -21.11 32.44
N VAL C 180 -24.51 -22.18 31.84
CA VAL C 180 -23.86 -22.80 30.65
C VAL C 180 -24.93 -22.99 29.59
N LEU C 181 -24.67 -22.51 28.38
CA LEU C 181 -25.56 -22.79 27.25
C LEU C 181 -24.95 -23.95 26.47
N SER C 182 -25.70 -25.04 26.30
CA SER C 182 -25.20 -26.25 25.61
C SER C 182 -24.97 -25.92 24.13
N ALA C 183 -24.03 -26.61 23.52
CA ALA C 183 -23.77 -26.58 22.06
C ALA C 183 -25.10 -26.76 21.33
N ALA C 184 -25.93 -27.71 21.79
CA ALA C 184 -27.20 -28.10 21.12
C ALA C 184 -28.19 -26.94 21.17
N ASP C 185 -28.34 -26.27 22.33
CA ASP C 185 -29.26 -25.12 22.48
C ASP C 185 -28.74 -23.92 21.64
N LEU C 186 -27.43 -23.68 21.65
CA LEU C 186 -26.82 -22.55 20.92
C LEU C 186 -27.03 -22.76 19.42
N GLN C 187 -26.79 -23.97 18.95
CA GLN C 187 -26.97 -24.36 17.52
C GLN C 187 -28.44 -24.14 17.10
N ARG C 188 -29.38 -24.64 17.90
CA ARG C 188 -30.84 -24.56 17.60
C ARG C 188 -31.23 -23.10 17.45
N ALA C 189 -30.78 -22.27 18.39
CA ALA C 189 -31.15 -20.85 18.48
C ALA C 189 -30.52 -20.09 17.31
N GLU C 190 -29.24 -20.33 17.04
CA GLU C 190 -28.49 -19.54 16.02
C GLU C 190 -28.96 -19.95 14.62
N ILE C 191 -29.23 -21.23 14.39
CA ILE C 191 -29.80 -21.68 13.08
C ILE C 191 -31.20 -21.06 12.90
N ALA C 192 -32.04 -21.03 13.94
CA ALA C 192 -33.38 -20.43 13.86
C ALA C 192 -33.27 -18.92 13.63
N ALA C 193 -32.34 -18.23 14.31
CA ALA C 193 -32.09 -16.79 14.10
C ALA C 193 -31.77 -16.56 12.61
N LEU C 194 -30.92 -17.40 12.02
CA LEU C 194 -30.55 -17.28 10.60
C LEU C 194 -31.78 -17.55 9.70
N GLY C 195 -32.59 -18.57 10.02
CA GLY C 195 -33.82 -18.88 9.27
C GLY C 195 -34.79 -17.71 9.27
N ASP C 196 -34.75 -16.88 10.31
CA ASP C 196 -35.74 -15.80 10.53
C ASP C 196 -35.55 -14.70 9.48
N ASN C 197 -34.30 -14.35 9.19
CA ASN C 197 -34.10 -13.15 8.34
C ASN C 197 -32.89 -13.26 7.43
N PHE C 198 -32.19 -14.39 7.36
CA PHE C 198 -30.86 -14.39 6.68
C PHE C 198 -30.63 -15.63 5.81
N ALA C 199 -31.52 -16.63 5.83
CA ALA C 199 -31.18 -17.89 5.14
C ALA C 199 -32.39 -18.80 5.01
N ALA C 200 -32.24 -19.81 4.16
CA ALA C 200 -33.11 -20.99 4.08
C ALA C 200 -32.40 -22.13 4.82
N ILE C 201 -33.12 -22.83 5.69
CA ILE C 201 -32.54 -23.88 6.57
C ILE C 201 -33.10 -25.25 6.18
N VAL C 202 -32.22 -26.26 6.16
CA VAL C 202 -32.62 -27.70 6.12
C VAL C 202 -31.94 -28.41 7.27
N ALA C 203 -32.47 -29.57 7.64
CA ALA C 203 -31.94 -30.41 8.75
C ALA C 203 -30.58 -30.98 8.35
N GLN C 204 -30.48 -31.53 7.14
CA GLN C 204 -29.36 -32.44 6.76
C GLN C 204 -28.79 -32.14 5.39
N ALA C 205 -27.50 -32.42 5.21
CA ALA C 205 -26.77 -32.15 3.96
C ALA C 205 -27.44 -32.87 2.78
N ARG C 206 -27.89 -34.10 2.99
CA ARG C 206 -28.50 -34.93 1.92
C ARG C 206 -29.73 -34.24 1.30
N GLU C 207 -30.46 -33.38 2.01
CA GLU C 207 -31.61 -32.67 1.40
C GLU C 207 -31.15 -31.68 0.31
N LEU C 208 -29.85 -31.40 0.16
CA LEU C 208 -29.38 -30.43 -0.87
C LEU C 208 -28.80 -31.14 -2.09
N LEU C 209 -28.69 -32.46 -2.04
CA LEU C 209 -28.24 -33.30 -3.18
C LEU C 209 -29.44 -33.63 -4.10
N HIS D 14 19.79 36.88 -9.86
CA HIS D 14 20.41 35.58 -9.48
C HIS D 14 21.41 35.82 -8.36
N PRO D 15 20.99 35.67 -7.10
CA PRO D 15 21.87 35.92 -5.97
C PRO D 15 23.01 34.89 -5.91
N LEU D 16 24.16 35.33 -5.40
CA LEU D 16 25.32 34.45 -5.14
C LEU D 16 25.14 33.76 -3.80
N THR D 17 25.76 32.59 -3.64
CA THR D 17 25.92 31.94 -2.33
C THR D 17 26.98 32.67 -1.50
N LEU D 18 26.96 32.45 -0.19
CA LEU D 18 28.00 33.03 0.69
C LEU D 18 29.35 32.39 0.32
N LEU D 19 29.31 31.11 -0.01
CA LEU D 19 30.58 30.42 -0.42
C LEU D 19 31.17 31.14 -1.65
N GLN D 20 30.33 31.50 -2.60
CA GLN D 20 30.80 32.22 -3.82
C GLN D 20 31.31 33.63 -3.45
N ILE D 21 30.60 34.31 -2.56
CA ILE D 21 30.99 35.71 -2.22
C ILE D 21 32.31 35.67 -1.46
N SER D 22 32.50 34.65 -0.63
CA SER D 22 33.71 34.52 0.22
C SER D 22 34.86 33.92 -0.59
N GLY D 23 34.59 33.49 -1.81
CA GLY D 23 35.62 32.82 -2.63
C GLY D 23 35.99 31.45 -2.09
N ARG D 24 35.14 30.86 -1.27
CA ARG D 24 35.47 29.59 -0.58
C ARG D 24 34.62 28.42 -1.10
N GLY D 25 34.09 28.57 -2.29
CA GLY D 25 33.27 27.51 -2.89
C GLY D 25 34.12 26.36 -3.39
N TYR D 26 33.55 25.18 -3.36
CA TYR D 26 34.30 23.99 -3.83
C TYR D 26 33.38 23.18 -4.75
N PRO D 27 33.99 22.40 -5.66
CA PRO D 27 33.19 21.59 -6.54
C PRO D 27 32.57 20.42 -5.79
N PRO D 28 31.44 19.90 -6.27
CA PRO D 28 30.90 18.65 -5.73
C PRO D 28 31.97 17.55 -5.79
N ALA D 29 32.16 16.85 -4.68
CA ALA D 29 33.18 15.80 -4.58
C ALA D 29 32.71 14.58 -5.37
N PRO D 30 33.62 13.87 -6.07
CA PRO D 30 33.26 12.58 -6.65
C PRO D 30 33.21 11.59 -5.48
N LEU D 31 32.30 10.63 -5.61
CA LEU D 31 32.13 9.53 -4.64
C LEU D 31 33.49 8.86 -4.41
N ARG D 32 34.30 8.70 -5.46
CA ARG D 32 35.61 7.98 -5.33
C ARG D 32 36.60 8.70 -4.40
N GLN D 33 36.45 9.98 -4.11
CA GLN D 33 37.38 10.73 -3.23
C GLN D 33 36.68 11.07 -1.91
N SER D 34 35.52 10.50 -1.65
CA SER D 34 34.67 10.92 -0.52
C SER D 34 34.53 9.76 0.48
N THR D 35 34.12 10.11 1.70
CA THR D 35 33.44 9.16 2.63
C THR D 35 31.93 9.34 2.47
N LEU D 36 31.22 8.25 2.20
CA LEU D 36 29.75 8.28 2.03
C LEU D 36 29.12 8.11 3.40
N LEU D 37 28.33 9.07 3.82
CA LEU D 37 27.66 9.09 5.16
C LEU D 37 26.15 8.94 4.95
N ILE D 38 25.55 7.81 5.37
CA ILE D 38 24.10 7.51 5.14
C ILE D 38 23.36 7.71 6.46
N ILE D 39 22.48 8.71 6.55
CA ILE D 39 21.76 9.05 7.80
C ILE D 39 20.38 8.40 7.92
N ASP D 40 20.27 7.48 8.89
CA ASP D 40 19.02 6.96 9.45
C ASP D 40 18.15 6.34 8.34
N ALA D 41 18.70 5.49 7.47
CA ALA D 41 17.94 4.71 6.45
C ALA D 41 17.26 3.53 7.17
N GLN D 42 16.26 3.86 7.97
CA GLN D 42 15.61 2.95 8.94
C GLN D 42 14.13 2.75 8.60
N GLU D 43 13.57 1.63 9.03
CA GLU D 43 12.18 1.18 8.73
C GLU D 43 11.12 2.13 9.32
N GLU D 44 11.46 2.94 10.32
CA GLU D 44 10.56 4.02 10.83
C GLU D 44 9.93 4.75 9.63
N TYR D 45 10.71 4.96 8.56
CA TYR D 45 10.38 5.84 7.41
C TYR D 45 9.55 5.07 6.36
N ARG D 46 9.41 3.75 6.52
CA ARG D 46 8.68 2.88 5.58
C ARG D 46 7.43 2.32 6.24
N SER D 47 7.56 1.69 7.40
CA SER D 47 6.44 0.99 8.08
C SER D 47 6.18 1.54 9.49
N GLY D 48 6.79 2.64 9.90
CA GLY D 48 6.58 3.21 11.24
C GLY D 48 5.63 4.41 11.23
N ALA D 49 5.92 5.40 12.08
CA ALA D 49 5.07 6.58 12.33
C ALA D 49 5.48 7.76 11.44
N LEU D 50 6.56 7.64 10.65
CA LEU D 50 7.07 8.77 9.83
C LEU D 50 7.22 8.28 8.38
N ARG D 51 6.14 7.80 7.78
CA ARG D 51 6.21 7.17 6.44
C ARG D 51 6.49 8.30 5.44
N LEU D 52 7.70 8.38 4.89
CA LEU D 52 8.02 9.47 3.93
C LEU D 52 7.54 9.05 2.54
N PRO D 53 6.68 9.85 1.89
CA PRO D 53 6.24 9.57 0.52
C PRO D 53 7.41 9.49 -0.49
N GLY D 54 8.49 10.26 -0.25
CA GLY D 54 9.69 10.25 -1.12
C GLY D 54 10.76 9.29 -0.66
N LEU D 55 10.46 8.40 0.30
CA LEU D 55 11.50 7.42 0.79
C LEU D 55 12.08 6.61 -0.36
N ASP D 56 11.25 5.92 -1.13
CA ASP D 56 11.73 4.98 -2.16
C ASP D 56 12.55 5.70 -3.24
N ALA D 57 12.14 6.88 -3.68
CA ALA D 57 12.87 7.64 -4.72
C ALA D 57 14.28 7.95 -4.18
N ALA D 58 14.35 8.39 -2.91
CA ALA D 58 15.63 8.78 -2.25
C ALA D 58 16.46 7.53 -1.95
N ALA D 59 15.84 6.43 -1.51
CA ALA D 59 16.57 5.16 -1.24
C ALA D 59 17.20 4.65 -2.55
N ALA D 60 16.51 4.82 -3.69
CA ALA D 60 16.99 4.40 -5.03
C ALA D 60 18.27 5.16 -5.34
N GLU D 61 18.27 6.47 -5.08
CA GLU D 61 19.41 7.34 -5.35
C GLU D 61 20.55 7.01 -4.38
N ILE D 62 20.28 6.74 -3.11
CA ILE D 62 21.33 6.33 -2.15
C ILE D 62 21.93 5.00 -2.64
N GLY D 63 21.09 4.10 -3.17
CA GLY D 63 21.53 2.77 -3.65
C GLY D 63 22.51 2.90 -4.81
N VAL D 64 22.28 3.89 -5.69
CA VAL D 64 23.24 4.22 -6.78
C VAL D 64 24.61 4.53 -6.18
N LEU D 65 24.65 5.38 -5.15
CA LEU D 65 25.89 5.80 -4.47
C LEU D 65 26.51 4.60 -3.77
N VAL D 66 25.72 3.76 -3.10
CA VAL D 66 26.27 2.62 -2.33
C VAL D 66 26.93 1.61 -3.28
N GLN D 67 26.28 1.29 -4.38
CA GLN D 67 26.77 0.32 -5.39
C GLN D 67 28.11 0.84 -5.90
N ALA D 68 28.18 2.13 -6.25
CA ALA D 68 29.41 2.69 -6.85
C ALA D 68 30.52 2.74 -5.79
N ALA D 69 30.20 3.05 -4.52
CA ALA D 69 31.18 3.11 -3.41
C ALA D 69 31.77 1.73 -3.20
N ARG D 70 30.94 0.69 -3.16
CA ARG D 70 31.39 -0.70 -2.93
C ARG D 70 32.25 -1.17 -4.11
N ALA D 71 32.00 -0.69 -5.34
CA ALA D 71 32.79 -1.06 -6.55
C ALA D 71 34.18 -0.40 -6.54
N SER D 72 34.41 0.66 -5.79
CA SER D 72 35.64 1.48 -5.87
C SER D 72 36.38 1.56 -4.53
N GLY D 73 35.96 0.84 -3.48
CA GLY D 73 36.61 0.95 -2.16
C GLY D 73 36.38 2.30 -1.52
N THR D 74 35.26 2.93 -1.78
CA THR D 74 34.86 4.16 -1.06
C THR D 74 34.33 3.75 0.32
N PRO D 75 34.83 4.35 1.41
CA PRO D 75 34.31 4.07 2.75
C PRO D 75 32.84 4.53 2.89
N ILE D 76 32.04 3.73 3.59
CA ILE D 76 30.59 3.98 3.82
C ILE D 76 30.38 3.87 5.31
N VAL D 77 29.82 4.93 5.89
CA VAL D 77 29.46 4.99 7.32
C VAL D 77 27.94 5.09 7.37
N HIS D 78 27.31 4.16 8.09
CA HIS D 78 25.85 4.05 8.27
C HIS D 78 25.50 4.61 9.66
N VAL D 79 24.75 5.69 9.72
CA VAL D 79 24.29 6.29 11.00
C VAL D 79 22.92 5.67 11.29
N ARG D 80 22.72 5.22 12.52
CA ARG D 80 21.44 4.58 12.94
C ARG D 80 20.96 5.32 14.17
N HIS D 81 19.78 5.91 14.09
CA HIS D 81 19.18 6.57 15.26
C HIS D 81 18.74 5.52 16.28
N LEU D 82 19.20 5.72 17.51
CA LEU D 82 18.87 4.90 18.71
C LEU D 82 17.75 5.61 19.48
N GLY D 83 16.53 5.11 19.33
CA GLY D 83 15.38 5.68 20.02
C GLY D 83 15.16 5.01 21.37
N ILE D 84 13.97 5.20 21.92
CA ILE D 84 13.63 4.59 23.23
C ILE D 84 12.54 3.52 23.04
N GLN D 85 12.38 2.70 24.06
CA GLN D 85 11.33 1.65 24.00
C GLN D 85 9.96 2.27 23.77
N GLY D 86 9.18 1.68 22.88
CA GLY D 86 7.82 2.16 22.55
C GLY D 86 7.85 3.44 21.74
N GLY D 87 9.04 3.95 21.37
CA GLY D 87 9.15 5.25 20.68
C GLY D 87 9.71 5.14 19.27
N LEU D 88 9.96 6.30 18.67
CA LEU D 88 10.52 6.39 17.32
C LEU D 88 11.87 5.70 17.35
N PHE D 89 12.17 4.92 16.31
CA PHE D 89 13.46 4.22 16.12
C PHE D 89 13.74 3.28 17.30
N ASP D 90 12.68 2.69 17.85
CA ASP D 90 12.80 1.69 18.95
C ASP D 90 13.86 0.65 18.57
N PRO D 91 15.01 0.53 19.29
CA PRO D 91 16.06 -0.43 18.91
C PRO D 91 15.64 -1.90 19.04
N GLN D 92 14.58 -2.19 19.82
CA GLN D 92 14.04 -3.56 20.03
C GLN D 92 12.85 -3.85 19.11
N GLY D 93 12.47 -2.92 18.23
CA GLY D 93 11.34 -3.13 17.30
C GLY D 93 11.80 -3.06 15.86
N PRO D 94 10.96 -3.49 14.91
CA PRO D 94 11.30 -3.46 13.50
C PRO D 94 11.62 -2.03 13.00
N ARG D 95 11.00 -1.02 13.62
CA ARG D 95 11.09 0.39 13.13
C ARG D 95 12.53 0.91 13.32
N GLY D 96 13.31 0.34 14.23
CA GLY D 96 14.71 0.76 14.46
C GLY D 96 15.71 0.19 13.47
N GLN D 97 15.33 -0.80 12.66
N GLN D 97 15.32 -0.85 12.71
CA GLN D 97 16.32 -1.56 11.88
CA GLN D 97 16.22 -1.64 11.81
C GLN D 97 16.53 -0.88 10.52
C GLN D 97 16.59 -0.79 10.57
N PHE D 98 17.70 -1.11 9.92
CA PHE D 98 18.02 -0.59 8.57
C PHE D 98 17.00 -1.10 7.55
N LEU D 99 16.64 -0.23 6.60
CA LEU D 99 16.01 -0.67 5.33
C LEU D 99 16.94 -1.72 4.73
N PRO D 100 16.38 -2.86 4.30
CA PRO D 100 17.21 -3.99 3.86
C PRO D 100 18.12 -3.64 2.67
N GLU D 101 17.59 -2.89 1.70
CA GLU D 101 18.37 -2.57 0.48
C GLU D 101 19.49 -1.61 0.82
N LEU D 102 19.48 -0.91 1.96
CA LEU D 102 20.57 0.03 2.33
C LEU D 102 21.36 -0.46 3.55
N GLN D 103 21.28 -1.72 3.91
CA GLN D 103 21.97 -2.21 5.12
C GLN D 103 23.49 -2.25 4.90
N PRO D 104 24.27 -2.19 6.00
CA PRO D 104 25.71 -2.38 5.95
C PRO D 104 26.12 -3.72 5.35
N GLU D 105 27.16 -3.71 4.51
N GLU D 105 27.21 -3.70 4.58
CA GLU D 105 27.83 -4.90 3.93
CA GLU D 105 27.86 -4.90 4.01
C GLU D 105 29.33 -4.77 4.17
C GLU D 105 29.36 -4.77 4.21
N ALA D 106 30.10 -5.86 3.98
CA ALA D 106 31.57 -5.88 4.02
C ALA D 106 32.13 -5.25 5.29
N GLY D 107 31.48 -5.41 6.44
CA GLY D 107 31.94 -4.75 7.69
C GLY D 107 31.97 -3.20 7.67
N GLU D 108 31.34 -2.51 6.70
CA GLU D 108 31.06 -1.04 6.80
C GLU D 108 30.53 -0.70 8.22
N LYS D 109 31.02 0.37 8.85
CA LYS D 109 30.78 0.65 10.29
C LYS D 109 29.40 1.31 10.53
N VAL D 110 28.78 1.01 11.66
CA VAL D 110 27.50 1.63 12.09
C VAL D 110 27.82 2.60 13.24
N VAL D 111 27.30 3.83 13.20
CA VAL D 111 27.38 4.83 14.30
C VAL D 111 25.97 5.02 14.82
N GLU D 112 25.72 4.70 16.08
CA GLU D 112 24.42 4.93 16.75
C GLU D 112 24.41 6.36 17.29
N LYS D 113 23.31 7.08 17.13
CA LYS D 113 23.23 8.47 17.66
C LYS D 113 21.89 8.64 18.34
N ARG D 114 21.81 9.57 19.27
CA ARG D 114 20.61 9.90 20.08
C ARG D 114 20.11 11.32 19.76
N LEU D 115 20.83 12.13 18.99
CA LEU D 115 20.41 13.53 18.68
C LEU D 115 20.47 13.73 17.17
N PRO D 116 19.87 14.82 16.62
CA PRO D 116 19.95 15.08 15.18
C PRO D 116 21.37 15.16 14.63
N ASN D 117 22.27 15.76 15.43
CA ASN D 117 23.70 15.91 15.07
C ASN D 117 24.36 14.53 15.23
N ALA D 118 24.78 13.89 14.13
CA ALA D 118 25.39 12.55 14.13
C ALA D 118 26.76 12.57 14.84
N PHE D 119 27.36 13.72 15.09
CA PHE D 119 28.68 13.82 15.76
C PHE D 119 28.50 13.81 17.29
N SER D 120 27.35 14.23 17.78
CA SER D 120 27.13 14.51 19.22
C SER D 120 27.07 13.21 20.03
N GLY D 121 28.06 13.03 20.89
CA GLY D 121 28.15 11.84 21.76
C GLY D 121 28.46 10.59 20.97
N THR D 122 29.07 10.71 19.78
CA THR D 122 29.36 9.55 18.92
C THR D 122 30.84 9.45 18.56
N GLU D 123 31.20 8.32 17.96
CA GLU D 123 32.55 8.06 17.45
C GLU D 123 32.67 8.61 16.01
N LEU D 124 31.67 9.32 15.46
CA LEU D 124 31.65 9.71 14.02
C LEU D 124 32.92 10.49 13.67
N HIS D 125 33.35 11.51 14.44
CA HIS D 125 34.55 12.32 14.11
C HIS D 125 35.79 11.43 14.01
N ASP D 126 35.95 10.49 14.94
CA ASP D 126 37.09 9.54 14.99
C ASP D 126 37.08 8.69 13.73
N LEU D 127 35.92 8.14 13.36
CA LEU D 127 35.77 7.28 12.15
C LEU D 127 36.10 8.08 10.89
N LEU D 128 35.60 9.31 10.76
CA LEU D 128 35.82 10.10 9.53
C LEU D 128 37.30 10.47 9.44
N GLN D 129 37.90 10.82 10.57
CA GLN D 129 39.32 11.23 10.67
C GLN D 129 40.23 10.10 10.18
N ASN D 130 39.93 8.88 10.60
CA ASN D 130 40.69 7.65 10.24
C ASN D 130 40.58 7.33 8.75
N HIS D 131 39.45 7.60 8.09
CA HIS D 131 39.32 7.43 6.63
C HIS D 131 40.20 8.46 5.92
N GLY D 132 40.46 9.61 6.55
CA GLY D 132 41.41 10.63 6.05
C GLY D 132 40.90 11.35 4.82
N ARG D 133 39.58 11.37 4.57
CA ARG D 133 38.97 12.07 3.40
C ARG D 133 38.23 13.32 3.91
N LEU D 134 38.60 14.50 3.43
CA LEU D 134 37.94 15.79 3.80
C LEU D 134 36.55 15.93 3.15
N ASP D 135 36.31 15.25 2.04
CA ASP D 135 35.03 15.28 1.30
C ASP D 135 34.07 14.24 1.86
N LEU D 136 32.94 14.70 2.40
CA LEU D 136 31.81 13.83 2.80
C LEU D 136 30.71 13.97 1.77
N ILE D 137 30.09 12.87 1.41
CA ILE D 137 28.80 12.87 0.66
C ILE D 137 27.76 12.40 1.66
N VAL D 138 26.81 13.26 1.96
CA VAL D 138 25.82 13.04 3.06
C VAL D 138 24.46 12.83 2.41
N CYS D 139 23.76 11.75 2.78
CA CYS D 139 22.41 11.46 2.27
C CYS D 139 21.59 10.88 3.41
N GLY D 140 20.31 10.66 3.16
CA GLY D 140 19.41 10.04 4.13
C GLY D 140 18.35 10.98 4.63
N PHE D 141 17.94 10.82 5.90
CA PHE D 141 16.60 11.21 6.41
C PHE D 141 16.73 11.75 7.83
N MET D 142 15.96 12.78 8.21
CA MET D 142 15.15 13.63 7.35
C MET D 142 15.98 14.86 6.96
N THR D 143 15.76 15.35 5.76
CA THR D 143 16.59 16.43 5.16
C THR D 143 16.80 17.58 6.15
N HIS D 144 15.72 18.01 6.77
CA HIS D 144 15.67 19.30 7.53
C HIS D 144 16.16 19.14 8.97
N SER D 145 16.29 17.90 9.46
CA SER D 145 16.61 17.59 10.87
C SER D 145 18.00 16.92 10.98
N SER D 146 18.13 15.59 10.97
CA SER D 146 19.44 14.88 11.12
C SER D 146 20.41 15.21 9.96
N VAL D 147 19.91 15.31 8.74
CA VAL D 147 20.80 15.52 7.59
C VAL D 147 21.34 16.95 7.71
N SER D 148 20.46 17.94 7.72
CA SER D 148 20.88 19.37 7.79
C SER D 148 21.81 19.58 9.00
N THR D 149 21.43 19.07 10.17
CA THR D 149 22.19 19.31 11.40
C THR D 149 23.60 18.76 11.25
N THR D 150 23.71 17.53 10.76
CA THR D 150 24.98 16.78 10.67
C THR D 150 25.86 17.49 9.64
N VAL D 151 25.28 17.96 8.53
CA VAL D 151 26.04 18.71 7.50
C VAL D 151 26.58 20.01 8.12
N ARG D 152 25.74 20.75 8.84
CA ARG D 152 26.14 22.04 9.46
C ARG D 152 27.29 21.78 10.46
N ALA D 153 27.16 20.72 11.27
CA ALA D 153 28.16 20.33 12.29
C ALA D 153 29.50 20.00 11.60
N ALA D 154 29.45 19.33 10.45
CA ALA D 154 30.66 18.91 9.70
C ALA D 154 31.53 20.14 9.41
N LYS D 155 30.94 21.31 9.21
CA LYS D 155 31.70 22.55 8.86
C LYS D 155 32.63 22.93 10.03
N ASP D 156 32.25 22.66 11.26
CA ASP D 156 33.05 23.02 12.46
C ASP D 156 34.37 22.23 12.45
N TYR D 157 34.39 21.05 11.83
CA TYR D 157 35.55 20.13 11.82
C TYR D 157 36.36 20.33 10.55
N GLY D 158 35.90 21.20 9.65
CA GLY D 158 36.58 21.54 8.40
C GLY D 158 36.39 20.48 7.33
N TYR D 159 35.34 19.66 7.40
CA TYR D 159 34.93 18.81 6.25
C TYR D 159 34.32 19.69 5.18
N ARG D 160 34.45 19.25 3.93
CA ARG D 160 33.61 19.72 2.81
C ARG D 160 32.48 18.71 2.65
N CYS D 161 31.26 19.18 2.49
CA CYS D 161 30.10 18.30 2.29
C CYS D 161 29.58 18.46 0.87
N THR D 162 29.19 17.36 0.28
CA THR D 162 28.49 17.31 -1.04
C THR D 162 27.17 16.61 -0.82
N LEU D 163 26.08 17.09 -1.37
CA LEU D 163 24.80 16.35 -1.33
C LEU D 163 24.20 16.32 -2.70
N ALA D 164 23.51 15.23 -2.98
CA ALA D 164 22.51 15.10 -4.06
C ALA D 164 21.14 15.38 -3.44
N ASP D 165 20.44 16.37 -3.96
CA ASP D 165 19.03 16.70 -3.60
C ASP D 165 18.20 15.41 -3.58
N SER D 166 18.34 14.56 -4.59
CA SER D 166 17.46 13.38 -4.78
C SER D 166 17.76 12.25 -3.79
N ALA D 167 18.87 12.29 -3.03
CA ALA D 167 19.29 11.22 -2.06
C ALA D 167 18.89 11.55 -0.62
N CYS D 168 18.07 12.57 -0.40
CA CYS D 168 17.53 12.96 0.92
C CYS D 168 16.02 13.09 0.80
N ALA D 169 15.28 12.86 1.87
CA ALA D 169 13.83 13.11 1.86
C ALA D 169 13.34 13.52 3.25
N THR D 170 12.21 14.19 3.24
CA THR D 170 11.59 14.69 4.48
C THR D 170 10.07 14.49 4.38
N ARG D 171 9.33 15.18 5.23
CA ARG D 171 7.85 15.04 5.36
C ARG D 171 7.25 16.45 5.49
N ASP D 172 5.92 16.52 5.33
CA ASP D 172 5.07 17.69 5.64
C ASP D 172 5.26 18.06 7.10
N ILE D 173 5.41 19.35 7.41
CA ILE D 173 5.57 19.78 8.81
C ILE D 173 4.64 20.96 9.02
N PRO D 174 4.13 21.16 10.25
CA PRO D 174 3.26 22.29 10.51
C PRO D 174 4.01 23.61 10.57
N THR D 175 3.28 24.70 10.33
CA THR D 175 3.78 26.09 10.40
C THR D 175 2.91 26.86 11.39
N LEU D 176 3.14 28.15 11.60
CA LEU D 176 2.27 29.02 12.46
C LEU D 176 0.86 29.11 11.85
N ASN D 177 -0.15 29.34 12.69
CA ASN D 177 -1.56 29.56 12.24
C ASN D 177 -2.16 28.29 11.60
N GLY D 178 -1.75 27.10 12.03
CA GLY D 178 -2.26 25.82 11.52
C GLY D 178 -1.97 25.63 10.03
N GLY D 179 -0.95 26.29 9.48
CA GLY D 179 -0.44 26.02 8.13
C GLY D 179 0.34 24.71 8.07
N VAL D 180 0.55 24.22 6.86
CA VAL D 180 1.34 23.00 6.58
C VAL D 180 2.36 23.37 5.52
N LEU D 181 3.64 23.04 5.75
CA LEU D 181 4.71 23.19 4.73
C LEU D 181 4.88 21.82 4.05
N SER D 182 4.77 21.77 2.73
CA SER D 182 4.89 20.50 1.98
C SER D 182 6.31 19.94 2.12
N ALA D 183 6.47 18.62 2.11
CA ALA D 183 7.79 17.96 2.06
C ALA D 183 8.59 18.57 0.90
N ALA D 184 8.01 18.80 -0.28
CA ALA D 184 8.77 19.31 -1.44
C ALA D 184 9.31 20.71 -1.15
N ASP D 185 8.53 21.57 -0.50
CA ASP D 185 8.94 22.97 -0.20
C ASP D 185 10.01 23.01 0.91
N LEU D 186 9.86 22.16 1.93
CA LEU D 186 10.85 22.02 3.03
C LEU D 186 12.17 21.54 2.41
N GLN D 187 12.11 20.52 1.55
CA GLN D 187 13.30 19.92 0.94
C GLN D 187 14.02 21.01 0.13
N ARG D 188 13.28 21.73 -0.70
CA ARG D 188 13.83 22.74 -1.64
C ARG D 188 14.57 23.79 -0.82
N ALA D 189 13.95 24.31 0.23
CA ALA D 189 14.52 25.36 1.10
C ALA D 189 15.73 24.84 1.89
N GLU D 190 15.64 23.63 2.44
CA GLU D 190 16.71 23.11 3.33
C GLU D 190 17.95 22.75 2.50
N ILE D 191 17.75 22.20 1.32
CA ILE D 191 18.89 21.92 0.39
C ILE D 191 19.49 23.26 -0.04
N ALA D 192 18.67 24.27 -0.40
CA ALA D 192 19.21 25.59 -0.82
C ALA D 192 20.00 26.24 0.34
N ALA D 193 19.54 26.13 1.59
CA ALA D 193 20.23 26.71 2.75
C ALA D 193 21.61 26.04 2.92
N LEU D 194 21.69 24.72 2.76
CA LEU D 194 22.98 23.99 2.84
C LEU D 194 23.91 24.43 1.71
N GLY D 195 23.36 24.60 0.52
CA GLY D 195 24.15 25.06 -0.64
C GLY D 195 24.66 26.48 -0.48
N ASP D 196 23.99 27.29 0.33
CA ASP D 196 24.38 28.70 0.53
C ASP D 196 25.68 28.76 1.31
N ASN D 197 25.90 27.89 2.30
CA ASN D 197 27.05 28.10 3.22
C ASN D 197 27.62 26.81 3.82
N PHE D 198 27.21 25.61 3.43
CA PHE D 198 27.60 24.37 4.14
C PHE D 198 27.92 23.22 3.20
N ALA D 199 27.69 23.35 1.88
CA ALA D 199 27.81 22.19 0.96
C ALA D 199 27.89 22.61 -0.50
N ALA D 200 28.45 21.71 -1.30
CA ALA D 200 28.23 21.66 -2.75
C ALA D 200 27.00 20.80 -3.01
N ILE D 201 26.06 21.27 -3.83
CA ILE D 201 24.78 20.58 -4.12
C ILE D 201 24.74 20.15 -5.60
N VAL D 202 24.29 18.93 -5.83
CA VAL D 202 23.87 18.46 -7.19
C VAL D 202 22.44 17.95 -7.12
N ALA D 203 21.78 17.86 -8.28
CA ALA D 203 20.36 17.44 -8.41
C ALA D 203 20.24 15.94 -8.12
N GLN D 204 21.19 15.15 -8.60
CA GLN D 204 21.06 13.68 -8.70
C GLN D 204 22.34 12.93 -8.34
N ALA D 205 22.15 11.72 -7.79
CA ALA D 205 23.26 10.85 -7.35
C ALA D 205 24.25 10.59 -8.49
N ARG D 206 23.77 10.38 -9.71
CA ARG D 206 24.68 9.96 -10.82
C ARG D 206 25.69 11.09 -11.12
N GLU D 207 25.41 12.32 -10.72
CA GLU D 207 26.36 13.44 -10.94
C GLU D 207 27.59 13.28 -10.05
N LEU D 208 27.58 12.41 -9.04
CA LEU D 208 28.77 12.25 -8.14
C LEU D 208 29.54 11.00 -8.55
N LEU D 209 29.04 10.27 -9.55
CA LEU D 209 29.74 9.08 -10.12
C LEU D 209 30.81 9.54 -11.13
N PRO E 13 14.17 6.23 -41.21
CA PRO E 13 14.96 6.16 -39.97
C PRO E 13 14.10 6.36 -38.71
N HIS E 14 12.77 6.55 -38.88
CA HIS E 14 11.78 6.71 -37.78
C HIS E 14 10.56 5.83 -38.02
N PRO E 15 10.62 4.56 -37.61
CA PRO E 15 9.52 3.62 -37.85
C PRO E 15 8.28 4.01 -37.06
N LEU E 16 7.12 3.71 -37.62
CA LEU E 16 5.80 3.88 -36.97
C LEU E 16 5.54 2.67 -36.07
N THR E 17 4.59 2.83 -35.14
CA THR E 17 4.08 1.67 -34.37
C THR E 17 2.98 1.00 -35.21
N LEU E 18 2.64 -0.27 -34.94
CA LEU E 18 1.51 -0.92 -35.64
C LEU E 18 0.21 -0.16 -35.33
N LEU E 19 0.07 0.32 -34.11
CA LEU E 19 -1.14 1.09 -33.73
C LEU E 19 -1.25 2.31 -34.65
N GLN E 20 -0.13 2.99 -34.86
CA GLN E 20 -0.12 4.17 -35.76
C GLN E 20 -0.44 3.73 -37.20
N ILE E 21 0.20 2.67 -37.65
CA ILE E 21 -0.02 2.21 -39.06
C ILE E 21 -1.48 1.79 -39.24
N SER E 22 -2.10 1.17 -38.24
CA SER E 22 -3.50 0.65 -38.29
C SER E 22 -4.53 1.76 -38.02
N GLY E 23 -4.06 2.93 -37.60
CA GLY E 23 -4.99 4.01 -37.23
C GLY E 23 -5.73 3.70 -35.95
N ARG E 24 -5.16 2.87 -35.10
CA ARG E 24 -5.87 2.45 -33.86
C ARG E 24 -5.14 2.95 -32.60
N GLY E 25 -4.27 3.94 -32.78
CA GLY E 25 -3.54 4.52 -31.65
C GLY E 25 -4.47 5.29 -30.72
N TYR E 26 -4.08 5.40 -29.47
CA TYR E 26 -4.90 6.13 -28.49
C TYR E 26 -3.98 6.89 -27.56
N PRO E 27 -4.43 8.02 -27.00
CA PRO E 27 -3.60 8.81 -26.15
C PRO E 27 -3.36 8.12 -24.80
N PRO E 28 -2.25 8.39 -24.11
CA PRO E 28 -2.08 7.86 -22.76
C PRO E 28 -3.26 8.34 -21.92
N ALA E 29 -3.81 7.42 -21.15
CA ALA E 29 -4.99 7.78 -20.35
C ALA E 29 -4.57 8.50 -19.07
N PRO E 30 -5.37 9.49 -18.64
CA PRO E 30 -5.14 10.12 -17.36
C PRO E 30 -5.57 9.12 -16.27
N LEU E 31 -4.84 9.13 -15.16
CA LEU E 31 -5.15 8.23 -14.02
C LEU E 31 -6.60 8.45 -13.59
N ARG E 32 -7.09 9.68 -13.71
CA ARG E 32 -8.45 10.02 -13.24
C ARG E 32 -9.53 9.24 -13.99
N GLN E 33 -9.24 8.79 -15.23
CA GLN E 33 -10.24 8.08 -16.07
C GLN E 33 -9.88 6.59 -16.22
N SER E 34 -8.93 6.13 -15.42
CA SER E 34 -8.44 4.76 -15.60
C SER E 34 -8.57 3.90 -14.34
N THR E 35 -8.41 2.59 -14.50
CA THR E 35 -8.30 1.70 -13.34
C THR E 35 -6.79 1.41 -13.21
N LEU E 36 -6.23 1.64 -12.04
CA LEU E 36 -4.80 1.42 -11.77
C LEU E 36 -4.60 -0.05 -11.41
N LEU E 37 -3.82 -0.77 -12.21
CA LEU E 37 -3.53 -2.21 -11.97
C LEU E 37 -2.06 -2.35 -11.56
N ILE E 38 -1.83 -2.75 -10.31
CA ILE E 38 -0.45 -2.87 -9.78
C ILE E 38 -0.11 -4.37 -9.71
N ILE E 39 0.96 -4.76 -10.42
CA ILE E 39 1.27 -6.20 -10.52
C ILE E 39 2.44 -6.65 -9.66
N ASP E 40 2.16 -7.47 -8.64
CA ASP E 40 3.22 -8.18 -7.87
C ASP E 40 4.24 -7.26 -7.19
N ALA E 41 3.75 -6.23 -6.49
CA ALA E 41 4.66 -5.38 -5.70
C ALA E 41 4.92 -6.14 -4.40
N GLN E 42 5.72 -7.18 -4.51
CA GLN E 42 5.91 -8.10 -3.36
C GLN E 42 7.34 -8.09 -2.82
N GLU E 43 7.49 -8.48 -1.57
CA GLU E 43 8.77 -8.49 -0.82
C GLU E 43 9.82 -9.39 -1.50
N GLU E 44 9.39 -10.35 -2.31
CA GLU E 44 10.36 -11.20 -3.06
C GLU E 44 11.37 -10.30 -3.79
N TYR E 45 10.89 -9.18 -4.31
CA TYR E 45 11.76 -8.31 -5.16
C TYR E 45 12.70 -7.41 -4.33
N ARG E 46 12.56 -7.42 -3.02
CA ARG E 46 13.42 -6.58 -2.14
C ARG E 46 14.36 -7.45 -1.30
N SER E 47 13.84 -8.51 -0.70
CA SER E 47 14.61 -9.37 0.24
C SER E 47 14.47 -10.84 -0.11
N GLY E 48 14.04 -11.19 -1.32
CA GLY E 48 13.97 -12.60 -1.76
C GLY E 48 15.11 -12.92 -2.69
N ALA E 49 14.93 -13.89 -3.57
CA ALA E 49 15.95 -14.36 -4.54
C ALA E 49 15.96 -13.44 -5.77
N LEU E 50 14.88 -12.74 -6.07
CA LEU E 50 14.79 -11.87 -7.27
C LEU E 50 14.93 -10.39 -6.88
N ARG E 51 16.03 -10.02 -6.24
CA ARG E 51 16.22 -8.62 -5.79
C ARG E 51 16.45 -7.74 -7.02
N LEU E 52 15.42 -7.03 -7.46
CA LEU E 52 15.51 -6.18 -8.68
C LEU E 52 16.36 -4.94 -8.40
N PRO E 53 17.33 -4.63 -9.29
CA PRO E 53 18.19 -3.45 -9.12
C PRO E 53 17.40 -2.12 -9.10
N GLY E 54 16.30 -2.03 -9.85
CA GLY E 54 15.54 -0.76 -9.91
C GLY E 54 14.21 -0.80 -9.17
N LEU E 55 14.11 -1.66 -8.16
CA LEU E 55 12.82 -1.79 -7.43
C LEU E 55 12.39 -0.45 -6.83
N ASP E 56 13.25 0.15 -6.01
CA ASP E 56 12.87 1.39 -5.29
C ASP E 56 12.43 2.49 -6.26
N ALA E 57 13.23 2.72 -7.30
CA ALA E 57 12.92 3.80 -8.26
C ALA E 57 11.52 3.58 -8.86
N ALA E 58 11.22 2.32 -9.15
CA ALA E 58 9.93 1.99 -9.80
C ALA E 58 8.79 2.03 -8.77
N ALA E 59 9.04 1.51 -7.57
CA ALA E 59 8.01 1.56 -6.51
C ALA E 59 7.65 3.01 -6.19
N ALA E 60 8.66 3.90 -6.23
CA ALA E 60 8.42 5.34 -5.99
C ALA E 60 7.39 5.84 -7.02
N GLU E 61 7.58 5.46 -8.28
CA GLU E 61 6.68 5.92 -9.36
C GLU E 61 5.28 5.33 -9.17
N ILE E 62 5.21 4.05 -8.81
CA ILE E 62 3.87 3.47 -8.50
C ILE E 62 3.24 4.24 -7.34
N GLY E 63 4.03 4.59 -6.33
CA GLY E 63 3.55 5.38 -5.17
C GLY E 63 2.95 6.71 -5.60
N VAL E 64 3.59 7.37 -6.54
CA VAL E 64 3.02 8.62 -7.14
C VAL E 64 1.62 8.33 -7.70
N LEU E 65 1.42 7.25 -8.48
CA LEU E 65 0.10 6.90 -9.06
C LEU E 65 -0.86 6.51 -7.92
N VAL E 66 -0.40 5.73 -6.95
CA VAL E 66 -1.27 5.27 -5.82
C VAL E 66 -1.75 6.47 -5.03
N GLN E 67 -0.85 7.41 -4.72
CA GLN E 67 -1.20 8.57 -3.87
C GLN E 67 -2.27 9.39 -4.60
N ALA E 68 -2.05 9.64 -5.89
CA ALA E 68 -2.97 10.45 -6.73
C ALA E 68 -4.31 9.72 -6.86
N ALA E 69 -4.31 8.39 -7.02
CA ALA E 69 -5.55 7.60 -7.20
C ALA E 69 -6.36 7.68 -5.91
N ARG E 70 -5.70 7.56 -4.77
CA ARG E 70 -6.40 7.54 -3.46
C ARG E 70 -7.03 8.92 -3.21
N ALA E 71 -6.41 9.97 -3.71
CA ALA E 71 -6.92 11.34 -3.50
C ALA E 71 -8.09 11.63 -4.46
N SER E 72 -8.20 10.90 -5.56
CA SER E 72 -9.22 11.21 -6.59
C SER E 72 -10.36 10.20 -6.61
N GLY E 73 -10.28 9.15 -5.82
CA GLY E 73 -11.30 8.09 -5.92
C GLY E 73 -11.13 7.25 -7.17
N THR E 74 -9.89 7.12 -7.63
CA THR E 74 -9.59 6.26 -8.79
C THR E 74 -9.44 4.80 -8.32
N PRO E 75 -10.10 3.83 -8.99
CA PRO E 75 -10.03 2.43 -8.59
C PRO E 75 -8.61 1.86 -8.67
N ILE E 76 -8.19 1.13 -7.63
CA ILE E 76 -6.87 0.48 -7.61
C ILE E 76 -7.09 -1.02 -7.44
N VAL E 77 -6.48 -1.81 -8.29
CA VAL E 77 -6.52 -3.30 -8.18
C VAL E 77 -5.09 -3.80 -8.01
N HIS E 78 -4.86 -4.54 -6.93
CA HIS E 78 -3.51 -5.05 -6.63
C HIS E 78 -3.49 -6.52 -7.01
N VAL E 79 -2.49 -6.90 -7.79
CA VAL E 79 -2.29 -8.31 -8.16
C VAL E 79 -1.17 -8.86 -7.30
N ARG E 80 -1.39 -10.06 -6.77
CA ARG E 80 -0.42 -10.74 -5.90
C ARG E 80 -0.15 -12.14 -6.45
N HIS E 81 1.13 -12.47 -6.68
CA HIS E 81 1.53 -13.81 -7.19
C HIS E 81 1.55 -14.80 -6.02
N LEU E 82 0.90 -15.94 -6.23
CA LEU E 82 0.87 -17.04 -5.23
C LEU E 82 1.90 -18.07 -5.67
N GLY E 83 3.02 -18.09 -4.97
CA GLY E 83 4.10 -19.01 -5.37
C GLY E 83 4.02 -20.32 -4.62
N ILE E 84 5.18 -20.95 -4.44
CA ILE E 84 5.20 -22.28 -3.79
C ILE E 84 5.71 -22.16 -2.37
N GLN E 85 5.28 -23.08 -1.52
CA GLN E 85 5.68 -23.10 -0.10
C GLN E 85 7.20 -23.05 0.09
N GLY E 86 7.66 -22.15 0.95
CA GLY E 86 9.09 -22.08 1.32
C GLY E 86 9.97 -21.51 0.22
N GLY E 87 9.37 -20.94 -0.83
CA GLY E 87 10.19 -20.48 -1.96
C GLY E 87 9.72 -19.17 -2.57
N LEU E 88 9.83 -19.04 -3.89
CA LEU E 88 9.47 -17.80 -4.61
C LEU E 88 8.03 -17.39 -4.28
N PHE E 89 7.84 -16.14 -3.89
CA PHE E 89 6.47 -15.63 -3.63
C PHE E 89 5.76 -16.53 -2.62
N ASP E 90 6.51 -17.02 -1.63
CA ASP E 90 5.96 -17.94 -0.61
C ASP E 90 4.69 -17.36 0.00
N PRO E 91 3.52 -18.00 -0.24
CA PRO E 91 2.24 -17.54 0.28
C PRO E 91 2.14 -17.52 1.82
N GLN E 92 2.98 -18.31 2.50
CA GLN E 92 2.88 -18.39 3.99
C GLN E 92 4.21 -17.89 4.58
N GLY E 93 4.85 -16.96 3.89
CA GLY E 93 6.16 -16.40 4.29
C GLY E 93 6.25 -14.92 3.90
N PRO E 94 7.21 -14.18 4.48
CA PRO E 94 7.38 -12.78 4.16
C PRO E 94 7.49 -12.46 2.66
N ARG E 95 8.10 -13.34 1.86
CA ARG E 95 8.45 -13.05 0.44
C ARG E 95 7.18 -12.89 -0.42
N GLY E 96 6.06 -13.49 -0.01
CA GLY E 96 4.75 -13.38 -0.68
C GLY E 96 4.00 -12.09 -0.35
N GLN E 97 4.44 -11.35 0.66
CA GLN E 97 3.66 -10.20 1.19
C GLN E 97 3.95 -9.00 0.29
N PHE E 98 2.98 -8.10 0.19
CA PHE E 98 3.16 -6.79 -0.48
C PHE E 98 4.32 -6.05 0.19
N LEU E 99 5.08 -5.31 -0.59
CA LEU E 99 5.96 -4.23 -0.07
C LEU E 99 5.10 -3.33 0.83
N PRO E 100 5.57 -2.99 2.04
CA PRO E 100 4.78 -2.20 3.00
C PRO E 100 4.25 -0.88 2.40
N GLU E 101 5.08 -0.19 1.62
CA GLU E 101 4.68 1.13 1.09
C GLU E 101 3.61 0.96 0.01
N LEU E 102 3.36 -0.25 -0.55
CA LEU E 102 2.36 -0.48 -1.62
C LEU E 102 1.28 -1.48 -1.13
N GLN E 103 1.07 -1.58 0.18
CA GLN E 103 -0.01 -2.41 0.76
C GLN E 103 -1.36 -1.83 0.31
N PRO E 104 -2.37 -2.69 0.03
CA PRO E 104 -3.72 -2.23 -0.20
C PRO E 104 -4.31 -1.52 1.03
N GLU E 105 -5.16 -0.53 0.78
CA GLU E 105 -6.00 0.10 1.81
C GLU E 105 -7.42 -0.38 1.57
N ALA E 106 -8.27 -0.19 2.57
CA ALA E 106 -9.64 -0.72 2.62
C ALA E 106 -10.39 -0.30 1.35
N GLY E 107 -11.08 -1.25 0.72
CA GLY E 107 -11.88 -1.00 -0.49
C GLY E 107 -11.11 -1.40 -1.74
N GLU E 108 -9.78 -1.43 -1.67
CA GLU E 108 -8.93 -1.73 -2.84
C GLU E 108 -8.84 -3.25 -2.97
N LYS E 109 -9.26 -3.82 -4.09
CA LYS E 109 -9.39 -5.27 -4.28
C LYS E 109 -8.03 -5.88 -4.59
N VAL E 110 -7.82 -7.10 -4.11
CA VAL E 110 -6.60 -7.91 -4.35
C VAL E 110 -7.02 -9.10 -5.19
N VAL E 111 -6.26 -9.36 -6.25
CA VAL E 111 -6.43 -10.56 -7.11
C VAL E 111 -5.20 -11.45 -6.93
N GLU E 112 -5.40 -12.68 -6.47
CA GLU E 112 -4.30 -13.66 -6.32
C GLU E 112 -4.17 -14.49 -7.59
N LYS E 113 -2.96 -14.60 -8.15
CA LYS E 113 -2.72 -15.33 -9.43
C LYS E 113 -1.61 -16.35 -9.28
N ARG E 114 -1.59 -17.31 -10.20
CA ARG E 114 -0.59 -18.41 -10.24
C ARG E 114 0.22 -18.38 -11.52
N LEU E 115 -0.21 -17.65 -12.53
CA LEU E 115 0.55 -17.60 -13.81
C LEU E 115 0.93 -16.16 -14.15
N PRO E 116 1.78 -15.94 -15.16
CA PRO E 116 2.18 -14.58 -15.53
C PRO E 116 1.01 -13.69 -15.96
N ASN E 117 0.07 -14.30 -16.67
CA ASN E 117 -1.19 -13.67 -17.09
C ASN E 117 -2.06 -13.48 -15.86
N ALA E 118 -2.27 -12.24 -15.43
CA ALA E 118 -3.10 -12.00 -14.22
C ALA E 118 -4.59 -12.33 -14.47
N PHE E 119 -5.04 -12.40 -15.73
CA PHE E 119 -6.42 -12.83 -16.09
C PHE E 119 -6.61 -14.34 -15.89
N SER E 120 -5.54 -15.14 -15.94
CA SER E 120 -5.69 -16.58 -16.15
C SER E 120 -6.06 -17.27 -14.81
N GLY E 121 -7.26 -17.86 -14.74
CA GLY E 121 -7.77 -18.56 -13.54
C GLY E 121 -8.10 -17.59 -12.42
N THR E 122 -8.36 -16.30 -12.73
CA THR E 122 -8.67 -15.27 -11.69
C THR E 122 -9.99 -14.56 -11.99
N GLU E 123 -10.41 -13.71 -11.06
CA GLU E 123 -11.59 -12.83 -11.16
C GLU E 123 -11.22 -11.48 -11.82
N LEU E 124 -10.01 -11.32 -12.38
CA LEU E 124 -9.60 -9.96 -12.86
C LEU E 124 -10.55 -9.42 -13.93
N HIS E 125 -10.94 -10.21 -14.93
CA HIS E 125 -11.85 -9.78 -16.01
C HIS E 125 -13.12 -9.18 -15.36
N ASP E 126 -13.69 -9.93 -14.44
CA ASP E 126 -14.89 -9.51 -13.68
C ASP E 126 -14.67 -8.14 -13.03
N LEU E 127 -13.60 -7.98 -12.24
CA LEU E 127 -13.34 -6.75 -11.45
C LEU E 127 -13.20 -5.55 -12.39
N LEU E 128 -12.37 -5.68 -13.44
CA LEU E 128 -12.13 -4.55 -14.37
C LEU E 128 -13.45 -4.17 -15.06
N GLN E 129 -14.24 -5.16 -15.47
CA GLN E 129 -15.59 -4.96 -16.05
C GLN E 129 -16.45 -4.13 -15.08
N ASN E 130 -16.53 -4.51 -13.81
CA ASN E 130 -17.44 -3.87 -12.82
C ASN E 130 -16.95 -2.45 -12.48
N HIS E 131 -15.65 -2.17 -12.57
CA HIS E 131 -15.10 -0.78 -12.51
C HIS E 131 -15.55 0.06 -13.72
N GLY E 132 -15.82 -0.56 -14.86
CA GLY E 132 -16.39 0.16 -16.01
C GLY E 132 -15.45 1.11 -16.73
N ARG E 133 -14.14 0.97 -16.50
CA ARG E 133 -13.18 1.84 -17.22
C ARG E 133 -12.39 1.02 -18.24
N LEU E 134 -12.40 1.48 -19.49
CA LEU E 134 -11.67 0.78 -20.59
C LEU E 134 -10.17 1.04 -20.48
N ASP E 135 -9.81 2.19 -19.92
CA ASP E 135 -8.38 2.52 -19.74
C ASP E 135 -7.83 1.86 -18.47
N LEU E 136 -6.80 1.03 -18.63
CA LEU E 136 -6.00 0.50 -17.52
C LEU E 136 -4.65 1.20 -17.51
N ILE E 137 -4.19 1.60 -16.33
CA ILE E 137 -2.77 1.97 -16.16
C ILE E 137 -2.13 0.79 -15.46
N VAL E 138 -1.16 0.17 -16.11
CA VAL E 138 -0.56 -1.08 -15.57
C VAL E 138 0.89 -0.80 -15.15
N CYS E 139 1.20 -1.23 -13.94
CA CYS E 139 2.59 -1.03 -13.45
C CYS E 139 2.97 -2.26 -12.64
N GLY E 140 4.22 -2.29 -12.23
CA GLY E 140 4.64 -3.41 -11.38
C GLY E 140 5.75 -4.27 -11.94
N PHE E 141 5.76 -5.54 -11.56
CA PHE E 141 6.92 -6.41 -11.84
C PHE E 141 6.47 -7.85 -12.17
N MET E 142 7.28 -8.56 -12.96
CA MET E 142 8.44 -8.01 -13.71
C MET E 142 8.02 -7.57 -15.13
N THR E 143 8.67 -6.54 -15.64
CA THR E 143 8.27 -5.94 -16.95
C THR E 143 8.04 -6.99 -18.05
N HIS E 144 8.96 -7.95 -18.21
CA HIS E 144 8.91 -8.87 -19.37
C HIS E 144 8.04 -10.11 -19.17
N SER E 145 7.57 -10.32 -17.94
CA SER E 145 6.82 -11.57 -17.66
C SER E 145 5.38 -11.22 -17.28
N SER E 146 5.10 -11.03 -15.99
CA SER E 146 3.68 -10.82 -15.58
C SER E 146 3.11 -9.51 -16.17
N VAL E 147 3.94 -8.49 -16.27
CA VAL E 147 3.44 -7.17 -16.78
C VAL E 147 3.12 -7.29 -18.27
N SER E 148 4.13 -7.64 -19.08
CA SER E 148 3.93 -7.77 -20.54
C SER E 148 2.80 -8.76 -20.85
N THR E 149 2.81 -9.91 -20.19
CA THR E 149 1.80 -10.94 -20.47
C THR E 149 0.42 -10.39 -20.17
N THR E 150 0.25 -9.69 -19.04
CA THR E 150 -1.07 -9.21 -18.60
C THR E 150 -1.56 -8.10 -19.56
N VAL E 151 -0.66 -7.23 -19.97
CA VAL E 151 -0.98 -6.12 -20.94
C VAL E 151 -1.40 -6.72 -22.29
N ARG E 152 -0.64 -7.71 -22.76
CA ARG E 152 -0.99 -8.36 -24.03
C ARG E 152 -2.38 -9.00 -23.88
N ALA E 153 -2.67 -9.68 -22.77
CA ALA E 153 -3.95 -10.37 -22.56
C ALA E 153 -5.08 -9.33 -22.52
N ALA E 154 -4.85 -8.17 -21.94
CA ALA E 154 -5.89 -7.11 -21.84
C ALA E 154 -6.38 -6.70 -23.24
N LYS E 155 -5.51 -6.77 -24.25
CA LYS E 155 -5.89 -6.42 -25.64
C LYS E 155 -7.04 -7.33 -26.12
N ASP E 156 -7.04 -8.62 -25.74
CA ASP E 156 -8.06 -9.60 -26.19
C ASP E 156 -9.44 -9.24 -25.64
N TYR E 157 -9.50 -8.51 -24.53
CA TYR E 157 -10.76 -8.11 -23.89
C TYR E 157 -11.18 -6.73 -24.34
N GLY E 158 -10.37 -6.03 -25.13
CA GLY E 158 -10.71 -4.70 -25.66
C GLY E 158 -10.30 -3.56 -24.74
N TYR E 159 -9.47 -3.78 -23.73
CA TYR E 159 -8.96 -2.71 -22.83
C TYR E 159 -7.92 -1.90 -23.58
N ARG E 160 -7.85 -0.61 -23.27
CA ARG E 160 -6.72 0.26 -23.63
C ARG E 160 -5.76 0.24 -22.47
N CYS E 161 -4.48 0.01 -22.72
CA CYS E 161 -3.46 0.00 -21.65
C CYS E 161 -2.55 1.22 -21.79
N THR E 162 -2.25 1.84 -20.65
CA THR E 162 -1.24 2.92 -20.56
C THR E 162 -0.16 2.48 -19.55
N LEU E 163 1.11 2.62 -19.90
CA LEU E 163 2.20 2.32 -18.94
C LEU E 163 3.11 3.53 -18.85
N ALA E 164 3.63 3.78 -17.67
CA ALA E 164 4.81 4.61 -17.46
C ALA E 164 6.01 3.67 -17.37
N ASP E 165 7.00 3.87 -18.23
CA ASP E 165 8.26 3.11 -18.26
C ASP E 165 8.89 3.07 -16.84
N SER E 166 8.89 4.18 -16.13
CA SER E 166 9.55 4.31 -14.80
C SER E 166 8.81 3.52 -13.71
N ALA E 167 7.57 3.06 -13.95
CA ALA E 167 6.75 2.39 -12.91
C ALA E 167 6.84 0.87 -12.98
N CYS E 168 7.68 0.36 -13.88
N CYS E 168 7.68 0.37 -13.89
CA CYS E 168 7.87 -1.10 -14.03
CA CYS E 168 7.88 -1.10 -13.98
C CYS E 168 9.36 -1.40 -13.88
C CYS E 168 9.38 -1.42 -13.94
N ALA E 169 9.71 -2.62 -13.47
CA ALA E 169 11.13 -3.01 -13.39
C ALA E 169 11.29 -4.52 -13.60
N THR E 170 12.50 -4.89 -14.01
CA THR E 170 12.82 -6.32 -14.20
C THR E 170 14.25 -6.61 -13.74
N ARG E 171 14.84 -7.68 -14.24
CA ARG E 171 16.13 -8.20 -13.77
C ARG E 171 16.94 -8.64 -14.98
N ASP E 172 18.25 -8.83 -14.77
CA ASP E 172 19.16 -9.43 -15.76
C ASP E 172 18.68 -10.86 -16.04
N ILE E 173 18.71 -11.26 -17.31
CA ILE E 173 18.31 -12.63 -17.72
C ILE E 173 19.33 -13.20 -18.69
N PRO E 174 19.49 -14.54 -18.72
CA PRO E 174 20.46 -15.14 -19.65
C PRO E 174 19.96 -15.06 -21.10
N THR E 175 20.91 -15.08 -22.05
CA THR E 175 20.66 -15.21 -23.51
C THR E 175 21.37 -16.48 -24.01
N LEU E 176 21.29 -16.72 -25.31
CA LEU E 176 22.01 -17.84 -25.98
C LEU E 176 23.52 -17.59 -25.85
N ASN E 177 24.31 -18.64 -26.00
CA ASN E 177 25.79 -18.57 -26.01
C ASN E 177 26.28 -17.92 -24.71
N GLY E 178 25.66 -18.26 -23.58
CA GLY E 178 26.07 -17.83 -22.22
C GLY E 178 26.14 -16.31 -22.04
N GLY E 179 25.44 -15.53 -22.86
CA GLY E 179 25.30 -14.08 -22.66
C GLY E 179 24.36 -13.74 -21.51
N VAL E 180 24.35 -12.46 -21.14
CA VAL E 180 23.42 -11.83 -20.17
C VAL E 180 22.80 -10.58 -20.83
N LEU E 181 21.50 -10.44 -20.70
CA LEU E 181 20.78 -9.22 -21.11
C LEU E 181 20.53 -8.42 -19.84
N SER E 182 20.99 -7.19 -19.79
CA SER E 182 20.81 -6.31 -18.61
C SER E 182 19.33 -5.97 -18.41
N ALA E 183 18.93 -5.76 -17.17
CA ALA E 183 17.57 -5.32 -16.78
C ALA E 183 17.19 -4.07 -17.61
N ALA E 184 18.08 -3.13 -17.76
CA ALA E 184 17.83 -1.88 -18.52
C ALA E 184 17.51 -2.22 -19.99
N ASP E 185 18.28 -3.10 -20.64
CA ASP E 185 18.06 -3.43 -22.08
C ASP E 185 16.76 -4.24 -22.24
N LEU E 186 16.49 -5.18 -21.33
CA LEU E 186 15.23 -5.98 -21.34
C LEU E 186 14.04 -5.00 -21.15
N GLN E 187 14.13 -4.09 -20.20
CA GLN E 187 13.07 -3.09 -19.92
C GLN E 187 12.84 -2.27 -21.20
N ARG E 188 13.91 -1.76 -21.80
CA ARG E 188 13.76 -0.86 -22.97
C ARG E 188 13.00 -1.60 -24.08
N ALA E 189 13.44 -2.82 -24.40
CA ALA E 189 12.87 -3.66 -25.47
C ALA E 189 11.43 -4.02 -25.15
N GLU E 190 11.14 -4.37 -23.90
CA GLU E 190 9.80 -4.93 -23.55
C GLU E 190 8.79 -3.77 -23.53
N ILE E 191 9.18 -2.60 -23.04
CA ILE E 191 8.24 -1.43 -23.07
C ILE E 191 7.97 -1.05 -24.53
N ALA E 192 9.02 -1.00 -25.35
CA ALA E 192 8.86 -0.64 -26.78
C ALA E 192 7.92 -1.63 -27.47
N ALA E 193 8.13 -2.91 -27.22
CA ALA E 193 7.25 -3.96 -27.75
C ALA E 193 5.80 -3.65 -27.37
N LEU E 194 5.53 -3.32 -26.12
CA LEU E 194 4.14 -3.06 -25.69
C LEU E 194 3.65 -1.77 -26.40
N GLY E 195 4.54 -0.79 -26.58
CA GLY E 195 4.16 0.46 -27.28
C GLY E 195 3.82 0.23 -28.76
N ASP E 196 4.40 -0.80 -29.35
CA ASP E 196 4.18 -1.10 -30.79
C ASP E 196 2.72 -1.52 -31.01
N ASN E 197 2.14 -2.35 -30.12
CA ASN E 197 0.84 -2.94 -30.53
C ASN E 197 -0.09 -3.17 -29.33
N PHE E 198 0.26 -2.72 -28.13
CA PHE E 198 -0.48 -3.12 -26.91
C PHE E 198 -0.73 -2.00 -25.93
N ALA E 199 -0.18 -0.80 -26.12
CA ALA E 199 -0.25 0.23 -25.08
C ALA E 199 0.16 1.59 -25.60
N ALA E 200 -0.28 2.62 -24.88
CA ALA E 200 0.34 3.96 -24.95
C ALA E 200 1.41 4.04 -23.85
N ILE E 201 2.58 4.55 -24.22
CA ILE E 201 3.71 4.62 -23.26
C ILE E 201 4.11 6.07 -22.94
N VAL E 202 4.31 6.34 -21.66
CA VAL E 202 4.92 7.61 -21.21
C VAL E 202 6.17 7.24 -20.43
N ALA E 203 7.09 8.21 -20.29
CA ALA E 203 8.38 8.06 -19.57
C ALA E 203 8.13 7.91 -18.06
N GLN E 204 7.22 8.70 -17.49
CA GLN E 204 7.21 8.85 -16.02
C GLN E 204 5.77 9.05 -15.54
N ALA E 205 5.54 8.64 -14.31
CA ALA E 205 4.21 8.57 -13.71
C ALA E 205 3.52 9.95 -13.74
N ARG E 206 4.25 11.03 -13.51
CA ARG E 206 3.63 12.37 -13.38
C ARG E 206 2.98 12.75 -14.71
N GLU E 207 3.34 12.12 -15.84
CA GLU E 207 2.67 12.44 -17.12
C GLU E 207 1.25 11.88 -17.14
N LEU E 208 0.87 10.99 -16.21
CA LEU E 208 -0.50 10.40 -16.17
C LEU E 208 -1.35 11.15 -15.16
N LEU E 209 -0.75 12.08 -14.42
CA LEU E 209 -1.53 13.03 -13.59
C LEU E 209 -1.99 14.14 -14.54
N HIS F 14 -2.81 19.10 9.47
CA HIS F 14 -2.70 18.67 10.88
C HIS F 14 -1.46 17.81 11.19
N PRO F 15 -0.28 17.88 10.51
CA PRO F 15 0.86 17.06 10.94
C PRO F 15 1.44 17.54 12.28
N LEU F 16 1.83 16.61 13.14
CA LEU F 16 2.50 16.93 14.43
C LEU F 16 3.99 17.19 14.19
N THR F 17 4.60 18.00 15.07
CA THR F 17 6.07 18.15 15.13
C THR F 17 6.66 16.87 15.70
N LEU F 18 7.97 16.70 15.52
CA LEU F 18 8.69 15.56 16.14
C LEU F 18 8.70 15.71 17.66
N LEU F 19 8.84 16.94 18.15
CA LEU F 19 8.80 17.19 19.61
C LEU F 19 7.47 16.67 20.18
N GLN F 20 6.36 16.92 19.48
CA GLN F 20 5.03 16.46 19.94
C GLN F 20 4.95 14.93 19.87
N ILE F 21 5.42 14.35 18.77
CA ILE F 21 5.38 12.86 18.59
C ILE F 21 6.22 12.22 19.69
N SER F 22 7.36 12.84 20.02
CA SER F 22 8.30 12.31 21.04
C SER F 22 7.87 12.65 22.47
N GLY F 23 6.93 13.56 22.66
CA GLY F 23 6.54 14.01 24.02
C GLY F 23 7.64 14.85 24.64
N ARG F 24 8.50 15.45 23.80
CA ARG F 24 9.65 16.24 24.31
C ARG F 24 9.45 17.72 24.01
N GLY F 25 8.22 18.07 23.65
CA GLY F 25 7.91 19.47 23.32
C GLY F 25 7.86 20.37 24.54
N TYR F 26 7.87 21.68 24.30
CA TYR F 26 7.85 22.66 25.40
C TYR F 26 7.26 23.96 24.85
N PRO F 27 6.57 24.73 25.71
CA PRO F 27 5.94 25.94 25.26
C PRO F 27 6.97 27.05 25.05
N PRO F 28 6.64 28.08 24.26
CA PRO F 28 7.52 29.24 24.18
C PRO F 28 7.80 29.80 25.58
N ALA F 29 9.05 30.15 25.83
CA ALA F 29 9.50 30.73 27.11
C ALA F 29 9.25 32.24 27.06
N PRO F 30 8.67 32.81 28.13
CA PRO F 30 8.60 34.26 28.24
C PRO F 30 10.04 34.79 28.37
N LEU F 31 10.27 36.02 27.92
CA LEU F 31 11.59 36.70 28.00
C LEU F 31 12.07 36.75 29.45
N ARG F 32 11.20 37.02 30.42
CA ARG F 32 11.63 37.18 31.84
C ARG F 32 12.25 35.89 32.39
N GLN F 33 12.00 34.69 31.83
CA GLN F 33 12.63 33.45 32.37
C GLN F 33 13.80 32.95 31.48
N SER F 34 14.22 33.74 30.51
CA SER F 34 15.13 33.29 29.42
C SER F 34 16.46 34.06 29.45
N THR F 35 17.46 33.58 28.70
CA THR F 35 18.62 34.38 28.25
C THR F 35 18.36 34.78 26.79
N LEU F 36 18.46 36.07 26.51
CA LEU F 36 18.27 36.61 25.15
C LEU F 36 19.63 36.52 24.43
N LEU F 37 19.66 35.85 23.29
CA LEU F 37 20.89 35.60 22.49
C LEU F 37 20.68 36.26 21.14
N ILE F 38 21.45 37.29 20.85
CA ILE F 38 21.27 38.11 19.62
C ILE F 38 22.43 37.77 18.67
N ILE F 39 22.10 37.24 17.51
CA ILE F 39 23.10 36.76 16.54
C ILE F 39 23.31 37.77 15.39
N ASP F 40 24.50 38.33 15.33
CA ASP F 40 25.15 39.00 14.18
C ASP F 40 24.30 40.19 13.71
N ALA F 41 23.87 41.03 14.63
CA ALA F 41 23.13 42.27 14.31
C ALA F 41 24.15 43.31 13.84
N GLN F 42 24.67 43.12 12.63
CA GLN F 42 25.87 43.82 12.12
C GLN F 42 25.58 44.67 10.88
N GLU F 43 26.42 45.67 10.65
CA GLU F 43 26.27 46.71 9.59
C GLU F 43 26.31 46.08 8.20
N GLU F 44 26.94 44.93 8.04
CA GLU F 44 26.94 44.15 6.77
C GLU F 44 25.53 44.11 6.18
N TYR F 45 24.50 43.93 7.02
CA TYR F 45 23.10 43.67 6.62
C TYR F 45 22.36 44.97 6.21
N ARG F 46 22.98 46.13 6.48
CA ARG F 46 22.40 47.47 6.18
C ARG F 46 23.13 48.11 5.02
N SER F 47 24.46 48.19 5.09
CA SER F 47 25.25 48.93 4.08
C SER F 47 26.31 48.04 3.45
N GLY F 48 26.40 46.75 3.79
CA GLY F 48 27.40 45.87 3.18
C GLY F 48 26.86 45.14 1.96
N ALA F 49 27.28 43.90 1.77
CA ALA F 49 26.98 43.09 0.57
C ALA F 49 25.70 42.28 0.74
N LEU F 50 25.14 42.19 1.94
CA LEU F 50 23.99 41.31 2.23
C LEU F 50 22.84 42.16 2.75
N ARG F 51 22.36 43.12 1.96
CA ARG F 51 21.34 44.08 2.46
C ARG F 51 19.99 43.37 2.57
N LEU F 52 19.63 42.88 3.76
CA LEU F 52 18.38 42.11 3.93
C LEU F 52 17.22 43.04 3.73
N PRO F 53 16.23 42.67 2.88
CA PRO F 53 15.06 43.51 2.65
C PRO F 53 14.22 43.71 3.94
N GLY F 54 14.20 42.77 4.88
CA GLY F 54 13.42 42.90 6.13
C GLY F 54 14.29 43.28 7.32
N LEU F 55 15.44 43.96 7.13
CA LEU F 55 16.38 44.21 8.26
C LEU F 55 15.67 45.07 9.31
N ASP F 56 15.16 46.24 8.92
CA ASP F 56 14.60 47.22 9.89
C ASP F 56 13.44 46.60 10.69
N ALA F 57 12.50 45.93 10.02
CA ALA F 57 11.36 45.30 10.73
C ALA F 57 11.88 44.29 11.75
N ALA F 58 12.87 43.46 11.38
CA ALA F 58 13.42 42.43 12.30
C ALA F 58 14.25 43.09 13.43
N ALA F 59 15.12 44.04 13.12
CA ALA F 59 15.94 44.75 14.14
C ALA F 59 14.99 45.44 15.14
N ALA F 60 13.83 45.90 14.68
CA ALA F 60 12.81 46.54 15.55
C ALA F 60 12.31 45.52 16.56
N GLU F 61 12.03 44.30 16.12
CA GLU F 61 11.52 43.22 17.00
C GLU F 61 12.61 42.81 17.98
N ILE F 62 13.88 42.68 17.53
CA ILE F 62 14.98 42.42 18.49
C ILE F 62 14.99 43.58 19.52
N GLY F 63 14.81 44.82 19.06
CA GLY F 63 14.79 46.01 19.93
C GLY F 63 13.75 45.89 21.03
N VAL F 64 12.57 45.39 20.72
CA VAL F 64 11.47 45.15 21.68
C VAL F 64 11.97 44.23 22.79
N LEU F 65 12.67 43.14 22.41
CA LEU F 65 13.15 42.13 23.36
C LEU F 65 14.31 42.74 24.16
N VAL F 66 15.21 43.50 23.53
CA VAL F 66 16.38 44.11 24.22
C VAL F 66 15.87 45.11 25.29
N GLN F 67 14.91 45.97 24.92
CA GLN F 67 14.34 47.00 25.84
C GLN F 67 13.65 46.32 27.02
N ALA F 68 12.77 45.36 26.74
CA ALA F 68 12.09 44.60 27.81
C ALA F 68 13.14 43.95 28.71
N ALA F 69 14.18 43.33 28.13
CA ALA F 69 15.19 42.60 28.92
C ALA F 69 15.98 43.57 29.81
N ARG F 70 16.39 44.71 29.29
CA ARG F 70 17.22 45.69 30.05
C ARG F 70 16.38 46.27 31.19
N ALA F 71 15.06 46.43 30.99
CA ALA F 71 14.11 46.97 31.99
C ALA F 71 13.85 45.95 33.11
N SER F 72 13.98 44.63 32.87
CA SER F 72 13.62 43.54 33.81
C SER F 72 14.86 42.76 34.29
N GLY F 73 16.08 43.18 33.96
CA GLY F 73 17.33 42.48 34.32
C GLY F 73 17.44 41.06 33.75
N THR F 74 16.86 40.80 32.58
CA THR F 74 17.04 39.55 31.81
C THR F 74 18.42 39.60 31.17
N PRO F 75 19.25 38.54 31.30
CA PRO F 75 20.59 38.54 30.70
C PRO F 75 20.51 38.60 29.15
N ILE F 76 21.43 39.33 28.54
CA ILE F 76 21.54 39.49 27.06
C ILE F 76 22.95 39.08 26.66
N VAL F 77 23.09 38.16 25.73
CA VAL F 77 24.42 37.79 25.16
C VAL F 77 24.40 38.18 23.68
N HIS F 78 25.36 38.99 23.25
CA HIS F 78 25.51 39.41 21.85
C HIS F 78 26.49 38.47 21.16
N VAL F 79 26.20 38.12 19.93
CA VAL F 79 27.16 37.35 19.10
C VAL F 79 27.51 38.24 17.92
N ARG F 80 28.81 38.32 17.61
CA ARG F 80 29.34 39.15 16.50
C ARG F 80 30.22 38.25 15.62
N HIS F 81 29.97 38.23 14.32
CA HIS F 81 30.78 37.44 13.36
C HIS F 81 32.05 38.21 13.02
N LEU F 82 33.21 37.57 13.16
CA LEU F 82 34.51 38.14 12.76
C LEU F 82 34.88 37.57 11.39
N GLY F 83 34.66 38.35 10.32
CA GLY F 83 35.16 37.98 8.98
C GLY F 83 36.64 38.29 8.84
N ILE F 84 37.12 38.31 7.60
CA ILE F 84 38.55 38.67 7.32
C ILE F 84 38.62 40.01 6.58
N GLN F 85 39.81 40.59 6.60
CA GLN F 85 40.03 41.93 6.03
C GLN F 85 39.60 41.86 4.57
N GLY F 86 38.80 42.84 4.11
CA GLY F 86 38.30 42.92 2.72
C GLY F 86 37.14 41.96 2.43
N GLY F 87 36.61 41.25 3.43
CA GLY F 87 35.56 40.22 3.23
C GLY F 87 34.25 40.55 3.95
N LEU F 88 33.30 39.62 3.91
CA LEU F 88 32.03 39.76 4.66
C LEU F 88 32.37 39.93 6.15
N PHE F 89 31.64 40.80 6.84
CA PHE F 89 31.77 41.01 8.30
C PHE F 89 33.22 41.46 8.61
N ASP F 90 33.83 42.21 7.69
CA ASP F 90 35.23 42.68 7.84
C ASP F 90 35.35 43.39 9.18
N PRO F 91 36.17 42.92 10.14
CA PRO F 91 36.34 43.63 11.41
C PRO F 91 37.16 44.94 11.28
N GLN F 92 37.88 45.08 10.16
CA GLN F 92 38.72 46.27 9.86
C GLN F 92 37.93 47.25 9.00
N GLY F 93 36.68 47.46 9.34
CA GLY F 93 35.87 48.54 8.75
C GLY F 93 34.45 48.47 9.29
N PRO F 94 33.55 49.29 8.71
CA PRO F 94 32.22 49.47 9.28
C PRO F 94 31.34 48.21 9.19
N ARG F 95 31.50 47.40 8.15
CA ARG F 95 30.55 46.31 7.87
C ARG F 95 30.59 45.24 8.99
N GLY F 96 31.69 45.12 9.76
CA GLY F 96 31.81 44.15 10.87
C GLY F 96 31.14 44.62 12.15
N GLN F 97 30.83 45.92 12.26
CA GLN F 97 30.42 46.51 13.56
C GLN F 97 28.93 46.27 13.79
N PHE F 98 28.52 46.28 15.04
CA PHE F 98 27.09 46.17 15.39
C PHE F 98 26.33 47.31 14.75
N LEU F 99 25.10 47.03 14.32
CA LEU F 99 24.07 48.07 14.07
C LEU F 99 24.00 48.91 15.35
N PRO F 100 24.07 50.25 15.25
CA PRO F 100 24.08 51.11 16.43
C PRO F 100 22.94 50.88 17.45
N GLU F 101 21.75 50.61 16.94
CA GLU F 101 20.55 50.44 17.79
C GLU F 101 20.63 49.11 18.55
N LEU F 102 21.42 48.14 18.10
CA LEU F 102 21.59 46.86 18.85
C LEU F 102 23.03 46.73 19.40
N GLN F 103 23.71 47.83 19.66
CA GLN F 103 25.01 47.81 20.38
C GLN F 103 24.83 47.22 21.78
N PRO F 104 25.82 46.48 22.31
CA PRO F 104 25.85 46.13 23.72
C PRO F 104 25.90 47.38 24.62
N GLU F 105 25.24 47.36 25.75
CA GLU F 105 25.39 48.43 26.78
C GLU F 105 26.24 47.80 27.88
N ALA F 106 27.05 48.60 28.58
CA ALA F 106 28.13 48.14 29.48
C ALA F 106 27.58 47.03 30.38
N GLY F 107 28.35 45.97 30.55
CA GLY F 107 27.95 44.78 31.31
C GLY F 107 27.56 43.60 30.42
N GLU F 108 27.01 43.84 29.23
CA GLU F 108 26.49 42.77 28.35
C GLU F 108 27.67 42.20 27.55
N LYS F 109 27.86 40.89 27.60
CA LYS F 109 29.05 40.25 26.99
C LYS F 109 28.83 40.03 25.48
N VAL F 110 29.95 40.01 24.76
CA VAL F 110 30.00 39.81 23.28
C VAL F 110 30.81 38.54 23.03
N VAL F 111 30.21 37.60 22.30
CA VAL F 111 30.89 36.41 21.76
C VAL F 111 31.28 36.72 20.33
N GLU F 112 32.58 36.78 20.04
CA GLU F 112 33.06 36.92 18.64
C GLU F 112 33.27 35.51 18.07
N LYS F 113 32.72 35.23 16.90
CA LYS F 113 32.76 33.86 16.32
C LYS F 113 33.31 33.93 14.89
N ARG F 114 33.77 32.78 14.39
CA ARG F 114 34.32 32.63 13.02
C ARG F 114 33.48 31.63 12.23
N LEU F 115 32.59 30.87 12.87
CA LEU F 115 31.75 29.90 12.14
C LEU F 115 30.27 30.20 12.34
N PRO F 116 29.39 29.59 11.51
CA PRO F 116 27.95 29.77 11.68
C PRO F 116 27.41 29.35 13.07
N ASN F 117 27.97 28.28 13.61
CA ASN F 117 27.70 27.77 14.96
C ASN F 117 28.35 28.69 16.01
N ALA F 118 27.54 29.49 16.70
CA ALA F 118 28.04 30.48 17.68
C ALA F 118 28.73 29.78 18.88
N PHE F 119 28.53 28.47 19.09
CA PHE F 119 29.20 27.69 20.15
C PHE F 119 30.65 27.37 19.76
N SER F 120 30.93 27.28 18.48
CA SER F 120 32.15 26.62 17.98
C SER F 120 33.37 27.51 18.15
N GLY F 121 34.29 27.12 19.04
CA GLY F 121 35.53 27.86 19.36
C GLY F 121 35.27 29.06 20.27
N THR F 122 34.13 29.13 20.96
CA THR F 122 33.75 30.34 21.73
C THR F 122 33.49 30.02 23.20
N GLU F 123 33.28 31.08 23.98
CA GLU F 123 32.86 31.02 25.40
C GLU F 123 31.32 30.92 25.52
N LEU F 124 30.57 30.76 24.43
CA LEU F 124 29.09 30.85 24.52
C LEU F 124 28.50 29.87 25.55
N HIS F 125 28.86 28.59 25.47
CA HIS F 125 28.40 27.57 26.43
C HIS F 125 28.69 28.05 27.87
N ASP F 126 29.90 28.53 28.14
CA ASP F 126 30.30 29.04 29.48
C ASP F 126 29.36 30.18 29.91
N LEU F 127 29.14 31.17 29.04
CA LEU F 127 28.30 32.33 29.40
C LEU F 127 26.87 31.89 29.68
N LEU F 128 26.30 31.00 28.86
CA LEU F 128 24.88 30.56 29.02
C LEU F 128 24.72 29.72 30.30
N GLN F 129 25.65 28.81 30.57
CA GLN F 129 25.67 28.02 31.83
C GLN F 129 25.73 28.98 33.02
N ASN F 130 26.56 30.03 32.95
CA ASN F 130 26.71 31.02 34.06
C ASN F 130 25.39 31.73 34.37
N HIS F 131 24.56 32.03 33.37
CA HIS F 131 23.27 32.73 33.59
C HIS F 131 22.26 31.73 34.18
N GLY F 132 22.46 30.43 33.95
CA GLY F 132 21.70 29.35 34.60
C GLY F 132 20.27 29.27 34.12
N ARG F 133 19.95 29.81 32.96
CA ARG F 133 18.61 29.68 32.38
C ARG F 133 18.64 28.60 31.30
N LEU F 134 17.75 27.63 31.41
CA LEU F 134 17.56 26.55 30.40
C LEU F 134 16.95 27.12 29.11
N ASP F 135 16.08 28.14 29.23
CA ASP F 135 15.39 28.78 28.10
C ASP F 135 16.27 29.86 27.47
N LEU F 136 16.47 29.74 26.17
CA LEU F 136 17.14 30.77 25.35
C LEU F 136 16.10 31.34 24.41
N ILE F 137 16.07 32.64 24.24
CA ILE F 137 15.37 33.27 23.09
C ILE F 137 16.45 33.71 22.09
N VAL F 138 16.37 33.20 20.86
CA VAL F 138 17.43 33.37 19.83
C VAL F 138 16.82 34.20 18.73
N CYS F 139 17.52 35.25 18.31
CA CYS F 139 17.04 36.19 17.28
C CYS F 139 18.26 36.64 16.48
N GLY F 140 18.02 37.25 15.33
CA GLY F 140 19.10 37.83 14.53
C GLY F 140 19.18 37.25 13.13
N PHE F 141 20.40 37.18 12.62
CA PHE F 141 20.69 37.05 11.19
C PHE F 141 21.85 36.11 10.93
N MET F 142 21.80 35.37 9.80
CA MET F 142 20.64 35.16 8.95
C MET F 142 19.92 33.89 9.44
N THR F 143 18.60 33.86 9.28
CA THR F 143 17.71 32.81 9.84
C THR F 143 18.24 31.41 9.49
N HIS F 144 18.63 31.18 8.21
CA HIS F 144 18.96 29.83 7.67
C HIS F 144 20.41 29.44 7.97
N SER F 145 21.23 30.37 8.41
CA SER F 145 22.69 30.16 8.49
C SER F 145 23.12 30.18 9.96
N SER F 146 23.55 31.32 10.50
CA SER F 146 24.05 31.44 11.88
C SER F 146 22.94 31.18 12.88
N VAL F 147 21.71 31.64 12.61
CA VAL F 147 20.59 31.47 13.60
C VAL F 147 20.26 29.97 13.69
N SER F 148 19.85 29.38 12.56
CA SER F 148 19.43 27.96 12.46
C SER F 148 20.55 27.05 13.01
N THR F 149 21.81 27.26 12.62
CA THR F 149 22.95 26.41 13.08
C THR F 149 23.11 26.52 14.61
N THR F 150 23.07 27.72 15.17
CA THR F 150 23.30 27.91 16.62
C THR F 150 22.10 27.27 17.37
N VAL F 151 20.86 27.46 16.90
CA VAL F 151 19.67 26.84 17.56
C VAL F 151 19.84 25.31 17.57
N ARG F 152 20.17 24.70 16.43
CA ARG F 152 20.38 23.24 16.33
C ARG F 152 21.49 22.80 17.30
N ALA F 153 22.61 23.53 17.36
CA ALA F 153 23.75 23.19 18.26
C ALA F 153 23.31 23.28 19.73
N ALA F 154 22.42 24.23 20.07
CA ALA F 154 21.95 24.41 21.46
C ALA F 154 21.27 23.13 21.98
N LYS F 155 20.60 22.39 21.11
CA LYS F 155 19.87 21.14 21.48
C LYS F 155 20.86 20.14 22.09
N ASP F 156 22.09 20.06 21.60
CA ASP F 156 23.09 19.08 22.09
C ASP F 156 23.48 19.36 23.54
N TYR F 157 23.36 20.60 24.00
CA TYR F 157 23.69 21.03 25.39
C TYR F 157 22.44 20.91 26.28
N GLY F 158 21.27 20.64 25.72
CA GLY F 158 20.03 20.49 26.48
C GLY F 158 19.34 21.82 26.76
N TYR F 159 19.66 22.90 26.04
CA TYR F 159 18.89 24.17 26.12
C TYR F 159 17.54 23.97 25.43
N ARG F 160 16.53 24.70 25.88
CA ARG F 160 15.24 24.89 25.16
C ARG F 160 15.34 26.23 24.45
N CYS F 161 15.03 26.26 23.16
CA CYS F 161 15.06 27.50 22.35
C CYS F 161 13.66 27.97 22.04
N THR F 162 13.47 29.29 22.11
CA THR F 162 12.24 29.97 21.69
C THR F 162 12.67 31.01 20.66
N LEU F 163 12.00 31.07 19.53
CA LEU F 163 12.26 32.15 18.55
C LEU F 163 10.93 32.82 18.24
N ALA F 164 11.01 34.13 17.98
CA ALA F 164 9.93 34.87 17.30
C ALA F 164 10.30 34.95 15.83
N ASP F 165 9.42 34.50 14.97
CA ASP F 165 9.62 34.56 13.49
C ASP F 165 10.02 36.00 13.10
N SER F 166 9.44 37.03 13.72
CA SER F 166 9.59 38.43 13.26
C SER F 166 10.95 39.02 13.65
N ALA F 167 11.69 38.39 14.58
CA ALA F 167 12.97 38.92 15.09
C ALA F 167 14.18 38.22 14.40
N CYS F 168 13.94 37.56 13.27
CA CYS F 168 14.98 36.92 12.45
C CYS F 168 14.74 37.37 11.03
N ALA F 169 15.79 37.46 10.23
CA ALA F 169 15.62 37.72 8.78
C ALA F 169 16.75 37.10 8.00
N THR F 170 16.50 36.97 6.72
CA THR F 170 17.39 36.31 5.77
C THR F 170 17.21 37.02 4.42
N ARG F 171 17.78 36.42 3.38
CA ARG F 171 17.88 37.03 2.02
C ARG F 171 17.47 35.98 0.98
N ASP F 172 17.22 36.39 -0.26
CA ASP F 172 17.03 35.47 -1.40
C ASP F 172 18.33 34.66 -1.58
N ILE F 173 18.21 33.36 -1.86
CA ILE F 173 19.39 32.51 -2.16
C ILE F 173 19.10 31.73 -3.44
N PRO F 174 20.17 31.33 -4.16
CA PRO F 174 19.98 30.53 -5.37
C PRO F 174 19.56 29.08 -5.06
N THR F 175 18.89 28.46 -6.05
CA THR F 175 18.54 27.04 -6.10
C THR F 175 19.17 26.44 -7.35
N LEU F 176 18.95 25.16 -7.58
CA LEU F 176 19.50 24.46 -8.76
C LEU F 176 18.89 25.02 -10.03
N ASN F 177 19.65 24.96 -11.12
CA ASN F 177 19.18 25.28 -12.51
C ASN F 177 18.76 26.74 -12.61
N GLY F 178 19.51 27.64 -11.99
CA GLY F 178 19.26 29.09 -12.10
C GLY F 178 17.99 29.56 -11.40
N GLY F 179 17.48 28.82 -10.41
CA GLY F 179 16.30 29.25 -9.63
C GLY F 179 16.69 30.19 -8.50
N VAL F 180 15.68 30.78 -7.85
CA VAL F 180 15.83 31.67 -6.68
C VAL F 180 14.75 31.30 -5.67
N LEU F 181 15.16 31.14 -4.42
CA LEU F 181 14.22 30.97 -3.28
C LEU F 181 14.10 32.34 -2.63
N SER F 182 12.90 32.90 -2.54
CA SER F 182 12.67 34.20 -1.86
C SER F 182 13.10 34.11 -0.39
N ALA F 183 13.53 35.23 0.17
CA ALA F 183 13.82 35.38 1.61
C ALA F 183 12.60 34.93 2.42
N ALA F 184 11.37 35.25 1.98
CA ALA F 184 10.14 34.92 2.75
C ALA F 184 9.92 33.39 2.78
N ASP F 185 10.09 32.71 1.63
CA ASP F 185 9.98 31.23 1.51
C ASP F 185 11.07 30.55 2.36
N LEU F 186 12.31 31.02 2.32
CA LEU F 186 13.47 30.49 3.09
C LEU F 186 13.16 30.64 4.58
N GLN F 187 12.72 31.85 4.95
CA GLN F 187 12.39 32.18 6.36
C GLN F 187 11.30 31.23 6.86
N ARG F 188 10.23 31.06 6.09
CA ARG F 188 9.10 30.17 6.45
C ARG F 188 9.58 28.75 6.69
N ALA F 189 10.27 28.16 5.71
CA ALA F 189 10.75 26.77 5.82
C ALA F 189 11.70 26.61 7.01
N GLU F 190 12.66 27.51 7.19
CA GLU F 190 13.69 27.34 8.23
C GLU F 190 13.07 27.53 9.61
N ILE F 191 12.17 28.48 9.81
CA ILE F 191 11.49 28.60 11.13
C ILE F 191 10.66 27.33 11.37
N ALA F 192 9.95 26.82 10.36
CA ALA F 192 9.14 25.58 10.51
C ALA F 192 10.08 24.42 10.84
N ALA F 193 11.25 24.31 10.20
CA ALA F 193 12.20 23.20 10.49
C ALA F 193 12.66 23.29 11.93
N LEU F 194 12.90 24.50 12.47
CA LEU F 194 13.36 24.64 13.86
C LEU F 194 12.19 24.33 14.81
N GLY F 195 10.97 24.69 14.42
CA GLY F 195 9.74 24.37 15.17
C GLY F 195 9.48 22.87 15.23
N ASP F 196 9.94 22.11 14.23
CA ASP F 196 9.71 20.65 14.18
C ASP F 196 10.49 19.95 15.28
N ASN F 197 11.74 20.33 15.54
CA ASN F 197 12.62 19.48 16.39
C ASN F 197 13.65 20.25 17.22
N PHE F 198 13.65 21.59 17.28
CA PHE F 198 14.77 22.35 17.91
C PHE F 198 14.28 23.56 18.73
N ALA F 199 13.00 23.92 18.67
CA ALA F 199 12.53 25.20 19.23
C ALA F 199 11.03 25.25 19.38
N ALA F 200 10.58 26.16 20.27
CA ALA F 200 9.20 26.67 20.28
C ALA F 200 9.17 27.99 19.50
N ILE F 201 8.16 28.13 18.65
CA ILE F 201 8.02 29.29 17.73
C ILE F 201 6.80 30.12 18.10
N VAL F 202 6.99 31.45 18.11
CA VAL F 202 5.89 32.45 18.13
C VAL F 202 6.10 33.37 16.92
N ALA F 203 5.01 34.03 16.50
CA ALA F 203 4.99 34.92 15.32
C ALA F 203 5.78 36.21 15.62
N GLN F 204 5.63 36.77 16.83
CA GLN F 204 6.05 38.16 17.14
C GLN F 204 6.67 38.26 18.54
N ALA F 205 7.58 39.21 18.68
CA ALA F 205 8.36 39.49 19.90
C ALA F 205 7.41 39.76 21.09
N ARG F 206 6.35 40.54 20.87
CA ARG F 206 5.43 40.98 21.96
C ARG F 206 4.84 39.74 22.66
N GLU F 207 4.74 38.61 21.95
CA GLU F 207 4.16 37.38 22.56
C GLU F 207 5.06 36.88 23.69
N LEU F 208 6.32 37.32 23.78
CA LEU F 208 7.26 36.78 24.79
C LEU F 208 7.34 37.74 25.99
N LEU F 209 6.60 38.86 25.97
CA LEU F 209 6.60 39.93 27.01
C LEU F 209 5.55 39.66 28.08
#